data_6CA8
#
_entry.id   6CA8
#
_cell.length_a   83.034
_cell.length_b   104.482
_cell.length_c   114.523
_cell.angle_alpha   90.00
_cell.angle_beta   90.00
_cell.angle_gamma   90.00
#
_symmetry.space_group_name_H-M   'P 21 21 2'
#
loop_
_entity.id
_entity.type
_entity.pdbx_description
1 polymer 'DNA topoisomerase 2'
2 water water
#
_entity_poly.entity_id   1
_entity_poly.type   'polypeptide(L)'
_entity_poly.pdbx_seq_one_letter_code
;MARERIIGIPKLEDANDAGSKYSQECTLILTEGDSAKTSCLAGLSIVGRDKYGVFPLKGKLLNVRDASFKQLMDNKEIQN
IFRIMGLDITDKNKDDIKGLRYGSLMIMTDQDYDGSHIKGLLINMIHKFWPSLLKHKGFLSEFVTPIVKVQKGSQEYSFF
TIAEYEQWKENTNLLGWKIKYYKGLGTSTDREFKQYFSDIKNHKIMFLWTGDRDGDSIDMAFSKKRIEDRKLWLQNFILG
SYVDHKEKDLSYYDFVNKELIYYSRYDTERSIPNIMDGWKPGQRKVLYGCFKRNLRNECKVAQLVGYIAEHSAYHHGESS
LQQTIINMAQTFVGSNNINFLEPCGQFGSRKEGGKDASAARYIFTKLASSTRSIFNEYDDPILKYLNEEGQKIEPQYYIP
VIPTILVNGCEGIGTGYSSFIPNYNYKDIIDNIKRYINKEPLIPMVPWYKDFKGRIESNGKTGYETIGIINKIDNDTLEI
TELPIKKWTQDYKEFLEELLTDEKHQLILDYIDNSSHEDICFTIKMDPAKLQKAEEEGLEKVFKLKSTLTTTNMTLFDPN
LKLQRYSTELDILKEFCYQRLKAYENRKSYLISKLEKEKRIISNKTKFILAIVNNELIVNKKKKKVLVEELYRKGYDPYK
DINKIKKEEIFEQELLDAADNPEDNEEIIAGITVKDYDYLLSMPIFSLTLEKVEDLLTQLKEKERELEILRNITVETMWL
KDIEKVEEAIEFQRNVELSNREESNHHHHHH
;
_entity_poly.pdbx_strand_id   A
#
# COMPACT_ATOMS: atom_id res chain seq x y z
N ARG A 3 -3.60 30.86 43.86
CA ARG A 3 -2.42 30.89 43.01
C ARG A 3 -2.81 31.07 41.55
N GLU A 4 -1.83 30.94 40.65
CA GLU A 4 -2.05 31.13 39.22
C GLU A 4 -3.10 30.12 38.75
N ARG A 5 -3.99 30.54 37.84
CA ARG A 5 -4.90 29.58 37.21
C ARG A 5 -5.36 29.99 35.81
N ILE A 6 -5.74 28.99 35.02
CA ILE A 6 -6.10 29.17 33.62
C ILE A 6 -7.60 29.17 33.46
N ILE A 7 -8.10 30.14 32.71
CA ILE A 7 -9.54 30.36 32.61
C ILE A 7 -10.20 29.71 31.40
N GLY A 8 -9.66 29.91 30.20
CA GLY A 8 -10.42 29.70 28.99
C GLY A 8 -10.30 28.36 28.28
N ILE A 9 -9.78 27.34 28.96
CA ILE A 9 -9.39 26.11 28.29
C ILE A 9 -9.93 24.84 28.96
N PRO A 10 -11.19 24.48 28.66
CA PRO A 10 -11.89 23.41 29.37
C PRO A 10 -11.18 22.07 29.24
N LYS A 11 -10.54 21.83 28.10
CA LYS A 11 -9.86 20.57 27.84
C LYS A 11 -8.56 20.39 28.64
N LEU A 12 -8.01 21.48 29.16
CA LEU A 12 -6.79 21.43 29.96
C LEU A 12 -7.00 20.70 31.29
N GLU A 13 -6.13 19.73 31.58
CA GLU A 13 -5.99 19.20 32.94
C GLU A 13 -4.72 19.76 33.56
N ASP A 14 -4.83 20.99 34.06
CA ASP A 14 -3.71 21.70 34.66
C ASP A 14 -3.16 21.01 35.90
N ALA A 15 -1.84 20.94 35.99
CA ALA A 15 -1.19 20.40 37.19
C ALA A 15 -1.51 21.34 38.34
N ASN A 16 -1.62 20.79 39.54
CA ASN A 16 -1.96 21.59 40.71
C ASN A 16 -0.92 22.68 40.99
N ASP A 17 0.34 22.33 40.77
CA ASP A 17 1.45 23.25 41.04
C ASP A 17 1.92 24.04 39.82
N ALA A 18 1.19 23.98 38.71
CA ALA A 18 1.60 24.80 37.57
C ALA A 18 1.36 26.26 37.90
N GLY A 19 2.30 27.11 37.49
CA GLY A 19 2.19 28.54 37.66
C GLY A 19 2.58 28.97 39.06
N SER A 20 2.86 27.98 39.89
CA SER A 20 3.31 28.16 41.28
C SER A 20 4.82 28.29 41.40
N LYS A 21 5.34 28.22 42.63
CA LYS A 21 6.77 28.35 42.88
C LYS A 21 7.46 27.02 42.64
N TYR A 22 6.64 26.01 42.34
CA TYR A 22 7.11 24.68 42.01
C TYR A 22 7.08 24.40 40.51
N SER A 23 6.92 25.46 39.72
CA SER A 23 6.63 25.34 38.29
C SER A 23 7.69 24.52 37.57
N GLN A 24 8.95 24.69 37.97
CA GLN A 24 10.06 24.05 37.29
C GLN A 24 9.96 22.53 37.40
N GLU A 25 9.32 22.06 38.48
CA GLU A 25 9.19 20.63 38.73
C GLU A 25 8.06 19.99 37.93
N CYS A 26 7.16 20.83 37.43
CA CYS A 26 6.00 20.36 36.68
C CYS A 26 6.28 19.95 35.24
N THR A 27 5.55 18.96 34.76
CA THR A 27 5.61 18.52 33.37
C THR A 27 4.25 18.63 32.70
N LEU A 28 4.22 19.24 31.52
CA LEU A 28 2.98 19.28 30.74
C LEU A 28 3.03 18.21 29.67
N ILE A 29 2.02 17.36 29.66
CA ILE A 29 1.95 16.28 28.69
C ILE A 29 1.01 16.69 27.58
N LEU A 30 1.52 16.69 26.35
CA LEU A 30 0.69 16.90 25.17
C LEU A 30 0.39 15.56 24.54
N THR A 31 -0.89 15.26 24.40
CA THR A 31 -1.32 13.96 23.93
C THR A 31 -1.91 14.05 22.53
N GLU A 32 -1.87 12.94 21.80
CA GLU A 32 -2.54 12.89 20.51
C GLU A 32 -3.98 12.46 20.78
N GLY A 33 -4.84 13.46 20.91
CA GLY A 33 -6.27 13.26 21.11
C GLY A 33 -6.79 13.13 22.54
N ASP A 34 -8.10 13.32 22.65
CA ASP A 34 -8.78 13.21 23.94
C ASP A 34 -8.62 11.80 24.52
N SER A 35 -8.61 10.78 23.66
CA SER A 35 -8.49 9.40 24.12
C SER A 35 -7.16 9.16 24.84
N ALA A 36 -6.10 9.71 24.27
CA ALA A 36 -4.79 9.67 24.87
C ALA A 36 -4.79 10.44 26.18
N LYS A 37 -5.52 11.56 26.23
CA LYS A 37 -5.57 12.28 27.50
C LYS A 37 -6.27 11.45 28.60
N THR A 38 -7.36 10.76 28.26
CA THR A 38 -8.05 9.89 29.23
C THR A 38 -7.16 8.76 29.74
N SER A 39 -6.41 8.14 28.83
CA SER A 39 -5.43 7.14 29.25
C SER A 39 -4.37 7.75 30.17
N CYS A 40 -3.96 8.97 29.85
CA CYS A 40 -2.98 9.67 30.67
C CYS A 40 -3.49 9.92 32.10
N LEU A 41 -4.75 10.30 32.24
CA LEU A 41 -5.33 10.50 33.58
C LEU A 41 -5.39 9.19 34.36
N ALA A 42 -5.57 8.08 33.62
CA ALA A 42 -5.46 6.77 34.28
C ALA A 42 -4.04 6.60 34.81
N GLY A 43 -3.05 7.00 34.02
CA GLY A 43 -1.68 6.96 34.52
C GLY A 43 -1.40 7.88 35.70
N LEU A 44 -1.95 9.08 35.66
CA LEU A 44 -1.76 10.07 36.71
C LEU A 44 -2.46 9.74 38.03
N SER A 45 -3.36 8.76 38.02
CA SER A 45 -3.98 8.40 39.29
C SER A 45 -2.98 7.63 40.14
N ILE A 46 -1.83 7.31 39.53
CA ILE A 46 -0.71 6.64 40.21
C ILE A 46 0.31 7.65 40.69
N VAL A 47 0.82 8.44 39.74
CA VAL A 47 1.84 9.45 39.96
C VAL A 47 1.37 10.69 40.74
N GLY A 48 0.06 10.91 40.75
CA GLY A 48 -0.55 12.12 41.28
C GLY A 48 -0.74 13.27 40.29
N ARG A 49 -1.54 14.26 40.68
CA ARG A 49 -1.82 15.41 39.82
C ARG A 49 -1.18 16.75 40.18
N ASP A 50 -0.31 16.76 41.19
CA ASP A 50 0.39 17.98 41.55
C ASP A 50 1.37 18.46 40.47
N LYS A 51 2.13 17.53 39.91
CA LYS A 51 3.22 17.88 39.02
C LYS A 51 2.96 17.66 37.52
N TYR A 52 1.96 16.86 37.19
CA TYR A 52 1.65 16.58 35.79
C TYR A 52 0.39 17.25 35.26
N GLY A 53 0.53 18.01 34.18
CA GLY A 53 -0.61 18.55 33.48
C GLY A 53 -0.80 17.81 32.17
N VAL A 54 -2.02 17.83 31.64
CA VAL A 54 -2.32 17.15 30.39
C VAL A 54 -3.17 18.05 29.50
N PHE A 55 -2.78 18.15 28.24
CA PHE A 55 -3.56 18.85 27.24
C PHE A 55 -3.64 18.05 25.94
N PRO A 56 -4.86 17.85 25.43
CA PRO A 56 -5.02 17.03 24.23
C PRO A 56 -4.90 17.84 22.94
N LEU A 57 -4.02 17.40 22.06
CA LEU A 57 -3.93 17.98 20.72
C LEU A 57 -5.02 17.43 19.83
N LYS A 58 -5.64 18.31 19.07
CA LYS A 58 -6.68 17.89 18.15
C LYS A 58 -6.12 17.88 16.73
N GLY A 59 -6.23 16.74 16.06
CA GLY A 59 -5.67 16.58 14.73
C GLY A 59 -4.17 16.83 14.65
N LYS A 60 -3.79 17.70 13.74
CA LYS A 60 -2.38 18.01 13.55
C LYS A 60 -2.12 19.49 13.74
N LEU A 61 -1.06 19.75 14.47
CA LEU A 61 -0.63 21.08 14.84
C LEU A 61 -0.33 21.86 13.55
N LEU A 62 -0.58 23.17 13.54
CA LEU A 62 -0.24 24.03 12.39
C LEU A 62 1.25 24.04 12.11
N ASN A 63 1.65 24.13 10.84
CA ASN A 63 3.07 24.27 10.58
C ASN A 63 3.37 25.76 10.67
N VAL A 64 3.95 26.16 11.79
CA VAL A 64 4.21 27.56 12.09
C VAL A 64 5.26 28.16 11.17
N ARG A 65 6.20 27.33 10.71
CA ARG A 65 7.30 27.80 9.88
C ARG A 65 6.84 28.43 8.58
N ASP A 66 5.88 27.78 7.93
CA ASP A 66 5.30 28.31 6.69
C ASP A 66 4.15 29.28 6.91
N ALA A 67 3.59 29.28 8.12
CA ALA A 67 2.33 29.98 8.38
C ALA A 67 2.46 31.50 8.41
N SER A 68 1.44 32.16 7.86
CA SER A 68 1.33 33.62 7.92
C SER A 68 1.03 34.06 9.34
N PHE A 69 1.26 35.33 9.64
CA PHE A 69 1.02 35.88 10.97
C PHE A 69 -0.45 35.77 11.37
N LYS A 70 -1.32 36.00 10.38
CA LYS A 70 -2.76 35.94 10.61
C LYS A 70 -3.19 34.53 10.97
N GLN A 71 -2.60 33.54 10.32
CA GLN A 71 -2.89 32.14 10.63
C GLN A 71 -2.47 31.79 12.06
N LEU A 72 -1.32 32.31 12.46
CA LEU A 72 -0.83 32.10 13.83
C LEU A 72 -1.70 32.73 14.91
N MET A 73 -2.10 33.97 14.71
CA MET A 73 -3.01 34.63 15.65
C MET A 73 -4.36 33.93 15.70
N ASP A 74 -4.85 33.54 14.53
CA ASP A 74 -6.16 32.91 14.41
C ASP A 74 -6.22 31.48 14.96
N ASN A 75 -5.07 30.91 15.31
CA ASN A 75 -5.02 29.49 15.66
C ASN A 75 -5.16 29.24 17.15
N LYS A 76 -6.39 28.93 17.58
CA LYS A 76 -6.74 28.81 18.98
C LYS A 76 -5.99 27.73 19.73
N GLU A 77 -5.73 26.61 19.06
CA GLU A 77 -5.02 25.50 19.70
C GLU A 77 -3.60 25.90 20.12
N ILE A 78 -2.86 26.53 19.21
CA ILE A 78 -1.53 27.07 19.48
C ILE A 78 -1.55 28.22 20.50
N GLN A 79 -2.55 29.11 20.40
CA GLN A 79 -2.68 30.21 21.35
C GLN A 79 -2.87 29.66 22.76
N ASN A 80 -3.71 28.63 22.85
CA ASN A 80 -3.94 27.92 24.10
C ASN A 80 -2.69 27.27 24.64
N ILE A 81 -1.92 26.62 23.78
CA ILE A 81 -0.68 25.99 24.24
C ILE A 81 0.26 27.04 24.81
N PHE A 82 0.28 28.21 24.16
CA PHE A 82 1.10 29.31 24.65
C PHE A 82 0.66 29.80 26.02
N ARG A 83 -0.64 29.94 26.21
CA ARG A 83 -1.16 30.33 27.53
C ARG A 83 -0.89 29.29 28.61
N ILE A 84 -1.09 28.02 28.29
CA ILE A 84 -0.86 26.93 29.23
C ILE A 84 0.59 26.90 29.67
N MET A 85 1.51 26.99 28.71
CA MET A 85 2.92 27.02 29.08
C MET A 85 3.36 28.31 29.79
N GLY A 86 2.73 29.43 29.48
CA GLY A 86 3.23 30.73 29.89
C GLY A 86 4.27 31.27 28.92
N LEU A 87 4.28 30.72 27.72
CA LEU A 87 5.24 31.12 26.70
C LEU A 87 4.50 32.10 25.77
N ASP A 88 5.23 32.86 24.97
CA ASP A 88 4.66 33.62 23.85
C ASP A 88 5.74 34.10 22.87
N ILE A 89 5.32 34.51 21.68
CA ILE A 89 6.24 34.84 20.60
C ILE A 89 7.19 36.02 20.86
N THR A 90 6.73 37.07 21.52
CA THR A 90 7.53 38.30 21.58
C THR A 90 8.90 38.01 22.22
N ASP A 91 8.91 37.18 23.26
CA ASP A 91 10.16 36.80 23.90
C ASP A 91 10.71 35.55 23.25
N LYS A 92 11.54 35.73 22.22
CA LYS A 92 12.31 34.64 21.70
C LYS A 92 13.61 34.69 22.48
N ASN A 93 14.58 33.86 22.12
CA ASN A 93 15.91 33.97 22.69
C ASN A 93 15.92 33.50 24.14
N LYS A 94 14.74 33.12 24.66
CA LYS A 94 14.64 32.72 26.06
C LYS A 94 15.48 31.46 26.17
N ASP A 95 16.33 31.41 27.17
CA ASP A 95 17.21 30.25 27.36
C ASP A 95 16.97 29.51 28.65
N ASP A 96 16.02 30.01 29.43
CA ASP A 96 15.80 29.52 30.77
C ASP A 96 14.40 28.94 30.87
N ILE A 97 14.18 28.11 31.88
CA ILE A 97 12.89 27.48 32.07
C ILE A 97 12.02 28.23 33.09
N LYS A 98 12.35 29.49 33.32
CA LYS A 98 11.56 30.31 34.24
C LYS A 98 11.24 31.68 33.65
N GLY A 99 10.13 32.29 34.08
CA GLY A 99 9.12 31.61 34.87
C GLY A 99 8.02 31.05 34.00
N LEU A 100 8.24 29.86 33.45
CA LEU A 100 7.19 29.15 32.72
C LEU A 100 6.27 28.45 33.70
N ARG A 101 5.02 28.25 33.30
CA ARG A 101 4.08 27.49 34.12
C ARG A 101 4.54 26.04 34.30
N TYR A 102 5.15 25.47 33.27
CA TYR A 102 5.71 24.13 33.35
C TYR A 102 7.19 24.15 32.97
N GLY A 103 7.99 23.32 33.63
CA GLY A 103 9.42 23.23 33.35
C GLY A 103 9.81 22.16 32.35
N SER A 104 8.87 21.29 32.01
CA SER A 104 9.11 20.26 31.00
C SER A 104 7.92 20.03 30.12
N LEU A 105 8.18 19.60 28.89
CA LEU A 105 7.15 19.28 27.94
C LEU A 105 7.32 17.83 27.50
N MET A 106 6.27 17.03 27.61
CA MET A 106 6.33 15.66 27.13
C MET A 106 5.27 15.43 26.05
N ILE A 107 5.73 14.98 24.88
CA ILE A 107 4.82 14.67 23.79
C ILE A 107 4.46 13.18 23.81
N MET A 108 3.16 12.91 23.85
CA MET A 108 2.64 11.55 23.88
C MET A 108 1.79 11.26 22.64
N THR A 109 2.25 10.34 21.80
CA THR A 109 1.58 10.04 20.53
C THR A 109 1.59 8.56 20.20
N ASP A 110 0.84 8.19 19.16
CA ASP A 110 0.95 6.85 18.62
C ASP A 110 2.36 6.62 18.07
N GLN A 111 2.85 5.39 18.18
CA GLN A 111 4.11 5.05 17.56
C GLN A 111 3.86 4.68 16.10
N ASP A 112 3.36 5.64 15.32
CA ASP A 112 3.13 5.47 13.89
C ASP A 112 3.46 6.78 13.15
N TYR A 113 3.33 6.79 11.83
CA TYR A 113 3.77 7.95 11.04
C TYR A 113 3.06 9.25 11.40
N ASP A 114 1.75 9.19 11.63
CA ASP A 114 1.02 10.40 11.96
C ASP A 114 1.48 10.97 13.30
N GLY A 115 1.68 10.08 14.28
CA GLY A 115 2.20 10.47 15.57
C GLY A 115 3.59 11.08 15.51
N SER A 116 4.43 10.50 14.66
CA SER A 116 5.76 11.03 14.39
C SER A 116 5.70 12.42 13.78
N HIS A 117 4.77 12.58 12.85
CA HIS A 117 4.53 13.86 12.20
C HIS A 117 4.10 14.90 13.24
N ILE A 118 3.26 14.49 14.19
CA ILE A 118 2.86 15.37 15.29
C ILE A 118 4.01 15.78 16.22
N LYS A 119 4.87 14.83 16.56
CA LYS A 119 6.06 15.12 17.36
C LYS A 119 6.96 16.11 16.64
N GLY A 120 7.09 15.90 15.33
CA GLY A 120 7.86 16.80 14.49
C GLY A 120 7.27 18.19 14.42
N LEU A 121 5.95 18.29 14.30
CA LEU A 121 5.29 19.58 14.26
C LEU A 121 5.48 20.37 15.54
N LEU A 122 5.38 19.68 16.69
CA LEU A 122 5.65 20.32 17.97
C LEU A 122 7.10 20.80 18.14
N ILE A 123 8.04 19.96 17.74
CA ILE A 123 9.44 20.35 17.73
C ILE A 123 9.65 21.54 16.79
N ASN A 124 8.94 21.53 15.67
CA ASN A 124 9.01 22.59 14.67
C ASN A 124 8.59 23.92 15.25
N MET A 125 7.48 23.89 15.98
CA MET A 125 6.99 25.10 16.64
C MET A 125 7.95 25.63 17.69
N ILE A 126 8.47 24.75 18.53
CA ILE A 126 9.39 25.18 19.57
C ILE A 126 10.67 25.76 18.97
N HIS A 127 11.20 25.10 17.94
CA HIS A 127 12.39 25.58 17.25
C HIS A 127 12.17 26.94 16.59
N LYS A 128 11.02 27.10 15.95
CA LYS A 128 10.69 28.36 15.30
C LYS A 128 10.54 29.54 16.26
N PHE A 129 9.80 29.37 17.36
CA PHE A 129 9.62 30.48 18.29
C PHE A 129 10.62 30.62 19.43
N TRP A 130 11.06 29.51 20.00
CA TRP A 130 12.04 29.53 21.09
C TRP A 130 13.13 28.50 20.83
N PRO A 131 13.97 28.76 19.80
CA PRO A 131 14.97 27.76 19.41
C PRO A 131 15.93 27.41 20.54
N SER A 132 16.05 28.38 21.43
CA SER A 132 16.92 28.31 22.60
C SER A 132 16.47 27.22 23.54
N LEU A 133 15.15 27.07 23.64
CA LEU A 133 14.53 26.07 24.50
C LEU A 133 14.92 24.63 24.13
N LEU A 134 15.10 24.32 22.85
CA LEU A 134 15.49 22.96 22.44
C LEU A 134 16.88 22.58 23.00
N LYS A 135 17.78 23.56 23.02
CA LYS A 135 19.13 23.39 23.57
C LYS A 135 19.09 23.12 25.06
N HIS A 136 17.98 23.50 25.70
CA HIS A 136 17.87 23.37 27.14
C HIS A 136 17.51 21.94 27.47
N LYS A 137 18.38 21.30 28.22
CA LYS A 137 18.30 19.86 28.47
C LYS A 137 17.17 19.49 29.42
N GLY A 138 16.45 18.44 29.03
CA GLY A 138 15.33 17.93 29.80
C GLY A 138 14.02 18.60 29.46
N PHE A 139 14.08 19.63 28.62
CA PHE A 139 12.87 20.36 28.25
C PHE A 139 11.83 19.60 27.45
N LEU A 140 12.28 18.87 26.42
CA LEU A 140 11.34 18.08 25.63
C LEU A 140 11.61 16.59 25.66
N SER A 141 10.59 15.83 26.01
CA SER A 141 10.68 14.38 26.02
C SER A 141 9.51 13.79 25.26
N GLU A 142 9.55 12.48 25.07
CA GLU A 142 8.48 11.76 24.39
C GLU A 142 8.12 10.52 25.17
N PHE A 143 6.82 10.28 25.34
CA PHE A 143 6.35 9.06 25.98
C PHE A 143 6.51 7.86 25.05
N VAL A 144 7.11 6.79 25.57
CA VAL A 144 7.32 5.57 24.79
C VAL A 144 6.85 4.33 25.52
N THR A 145 6.07 3.49 24.84
CA THR A 145 5.70 2.19 25.39
C THR A 145 6.45 1.10 24.63
N PRO A 146 6.43 -0.14 25.15
CA PRO A 146 7.05 -1.23 24.39
C PRO A 146 6.35 -1.41 23.04
N ILE A 147 7.13 -1.64 21.99
CA ILE A 147 6.56 -1.91 20.69
C ILE A 147 5.86 -3.29 20.66
N VAL A 148 6.46 -4.30 21.29
CA VAL A 148 5.83 -5.63 21.30
C VAL A 148 5.85 -6.25 22.70
N LYS A 149 4.73 -6.85 23.09
CA LYS A 149 4.69 -7.62 24.34
C LYS A 149 4.43 -9.09 24.05
N VAL A 150 5.30 -9.95 24.59
CA VAL A 150 5.13 -11.39 24.42
C VAL A 150 4.91 -12.10 25.76
N GLN A 151 4.20 -13.21 25.69
CA GLN A 151 3.81 -14.00 26.86
C GLN A 151 3.88 -15.51 26.63
N LYS A 152 4.47 -16.23 27.58
CA LYS A 152 4.26 -17.67 27.67
C LYS A 152 4.01 -17.97 29.14
N GLY A 153 2.75 -18.13 29.57
CA GLY A 153 2.53 -18.43 30.98
C GLY A 153 3.17 -17.28 31.76
N SER A 154 4.26 -17.56 32.47
CA SER A 154 5.02 -16.50 33.13
C SER A 154 6.20 -16.18 32.20
N GLN A 155 7.21 -15.46 32.66
CA GLN A 155 8.28 -15.01 31.76
C GLN A 155 7.72 -14.13 30.65
N GLU A 156 7.14 -12.99 31.02
CA GLU A 156 6.61 -12.05 30.06
C GLU A 156 7.69 -11.08 29.63
N TYR A 157 7.87 -10.91 28.33
CA TYR A 157 8.86 -9.94 27.90
C TYR A 157 8.22 -8.76 27.19
N SER A 158 8.89 -7.61 27.26
CA SER A 158 8.44 -6.42 26.58
C SER A 158 9.60 -5.86 25.77
N PHE A 159 9.38 -5.67 24.49
CA PHE A 159 10.42 -5.15 23.62
C PHE A 159 10.08 -3.74 23.18
N PHE A 160 11.00 -2.84 23.53
CA PHE A 160 10.98 -1.44 23.11
C PHE A 160 11.37 -1.23 21.65
N THR A 161 12.18 -2.13 21.11
CA THR A 161 12.61 -1.98 19.73
C THR A 161 12.15 -3.18 18.94
N ILE A 162 11.80 -2.95 17.69
CA ILE A 162 11.38 -4.05 16.83
C ILE A 162 12.59 -4.93 16.59
N ALA A 163 13.76 -4.32 16.44
CA ALA A 163 14.98 -5.07 16.13
C ALA A 163 15.31 -6.08 17.24
N GLU A 164 15.06 -5.65 18.47
CA GLU A 164 15.20 -6.49 19.65
C GLU A 164 14.19 -7.65 19.65
N TYR A 165 12.96 -7.33 19.24
CA TYR A 165 11.93 -8.35 19.14
C TYR A 165 12.25 -9.36 18.05
N GLU A 166 12.77 -8.88 16.92
CA GLU A 166 13.15 -9.76 15.82
C GLU A 166 14.27 -10.67 16.24
N GLN A 167 15.24 -10.13 16.97
CA GLN A 167 16.33 -10.95 17.46
C GLN A 167 15.83 -12.02 18.44
N TRP A 168 14.86 -11.68 19.28
CA TRP A 168 14.28 -12.71 20.15
C TRP A 168 13.49 -13.75 19.35
N LYS A 169 12.69 -13.28 18.39
CA LYS A 169 11.82 -14.14 17.57
C LYS A 169 12.60 -15.15 16.74
N GLU A 170 13.70 -14.69 16.15
CA GLU A 170 14.56 -15.53 15.32
C GLU A 170 15.17 -16.66 16.12
N ASN A 171 15.43 -16.38 17.40
CA ASN A 171 16.15 -17.30 18.27
C ASN A 171 15.24 -18.06 19.24
N THR A 172 13.95 -18.15 18.91
CA THR A 172 12.99 -18.73 19.83
C THR A 172 11.92 -19.46 19.04
N ASN A 173 11.41 -20.54 19.60
CA ASN A 173 10.26 -21.19 19.03
C ASN A 173 9.02 -20.55 19.63
N LEU A 174 8.17 -20.00 18.78
CA LEU A 174 6.98 -19.32 19.27
C LEU A 174 6.00 -20.44 19.54
N LEU A 175 5.75 -20.68 20.83
CA LEU A 175 5.18 -21.95 21.26
C LEU A 175 3.80 -22.20 20.65
N GLY A 176 2.83 -21.30 20.76
CA GLY A 176 2.22 -20.89 22.01
C GLY A 176 2.66 -19.65 22.78
N TRP A 177 3.59 -18.86 22.24
CA TRP A 177 3.84 -17.55 22.82
C TRP A 177 2.71 -16.66 22.29
N LYS A 178 2.15 -15.81 23.14
CA LYS A 178 1.12 -14.87 22.69
C LYS A 178 1.75 -13.50 22.48
N ILE A 179 1.44 -12.87 21.36
CA ILE A 179 2.21 -11.73 20.88
C ILE A 179 1.29 -10.55 20.57
N LYS A 180 1.61 -9.36 21.09
CA LYS A 180 0.83 -8.18 20.75
C LYS A 180 1.68 -6.96 20.42
N TYR A 181 1.36 -6.28 19.33
CA TYR A 181 2.07 -5.05 18.97
C TYR A 181 1.39 -3.84 19.57
N TYR A 182 2.18 -2.81 19.90
CA TYR A 182 1.61 -1.62 20.51
C TYR A 182 2.04 -0.36 19.77
N LYS A 183 1.56 -0.22 18.54
CA LYS A 183 1.77 1.01 17.77
C LYS A 183 0.93 2.18 18.23
N GLY A 184 -0.39 1.98 18.32
CA GLY A 184 -1.24 3.04 18.83
C GLY A 184 -1.38 3.04 20.35
N LEU A 185 -1.58 4.24 20.88
CA LEU A 185 -1.82 4.41 22.32
C LEU A 185 -3.09 3.71 22.76
N GLY A 186 -4.09 3.69 21.88
CA GLY A 186 -5.37 3.09 22.19
C GLY A 186 -5.28 1.62 22.50
N THR A 187 -4.24 0.96 22.00
CA THR A 187 -4.03 -0.47 22.22
C THR A 187 -3.85 -0.81 23.69
N SER A 188 -3.28 0.12 24.45
CA SER A 188 -3.04 -0.08 25.88
C SER A 188 -4.28 0.16 26.75
N THR A 189 -4.50 -0.75 27.70
CA THR A 189 -5.57 -0.59 28.69
C THR A 189 -5.17 0.45 29.74
N ASP A 190 -6.17 0.91 30.50
CA ASP A 190 -5.93 1.85 31.59
C ASP A 190 -4.96 1.27 32.63
N ARG A 191 -5.08 -0.04 32.84
CA ARG A 191 -4.19 -0.74 33.76
C ARG A 191 -2.74 -0.71 33.29
N GLU A 192 -2.55 -0.93 31.99
CA GLU A 192 -1.23 -0.86 31.39
C GLU A 192 -0.61 0.54 31.51
N PHE A 193 -1.46 1.56 31.37
CA PHE A 193 -1.01 2.93 31.54
C PHE A 193 -0.57 3.18 32.98
N LYS A 194 -1.29 2.57 33.91
CA LYS A 194 -0.88 2.68 35.31
C LYS A 194 0.50 2.05 35.46
N GLN A 195 0.75 0.91 34.83
CA GLN A 195 2.10 0.32 34.93
C GLN A 195 3.21 1.21 34.30
N TYR A 196 2.93 1.82 33.15
CA TYR A 196 3.96 2.68 32.53
C TYR A 196 4.29 3.86 33.45
N PHE A 197 3.25 4.49 33.99
CA PHE A 197 3.48 5.59 34.91
C PHE A 197 4.08 5.17 36.25
N SER A 198 3.84 3.92 36.66
CA SER A 198 4.56 3.37 37.81
C SER A 198 6.05 3.33 37.51
N ASP A 199 6.42 3.13 36.24
CA ASP A 199 7.84 3.14 35.92
C ASP A 199 8.13 4.12 34.77
N ILE A 200 7.85 5.39 35.03
CA ILE A 200 7.84 6.44 34.01
C ILE A 200 9.21 6.70 33.37
N LYS A 201 10.29 6.56 34.16
CA LYS A 201 11.63 6.82 33.64
C LYS A 201 11.92 5.88 32.49
N ASN A 202 11.33 4.68 32.54
CA ASN A 202 11.58 3.65 31.56
C ASN A 202 10.57 3.70 30.43
N HIS A 203 9.78 4.77 30.39
CA HIS A 203 8.82 4.99 29.33
C HIS A 203 8.93 6.40 28.80
N LYS A 204 10.12 6.96 28.94
CA LYS A 204 10.38 8.34 28.57
C LYS A 204 11.69 8.38 27.78
N ILE A 205 11.68 9.11 26.68
CA ILE A 205 12.91 9.34 25.93
C ILE A 205 13.14 10.83 25.87
N MET A 206 14.34 11.26 26.20
CA MET A 206 14.63 12.69 26.22
C MET A 206 15.24 13.16 24.92
N PHE A 207 14.70 14.23 24.37
CA PHE A 207 15.26 14.79 23.15
C PHE A 207 16.53 15.54 23.51
N LEU A 208 17.55 15.37 22.67
CA LEU A 208 18.88 15.92 22.89
C LEU A 208 19.28 16.81 21.72
N TRP A 209 19.83 17.98 22.01
CA TRP A 209 20.29 18.82 20.94
C TRP A 209 21.78 18.55 20.74
N THR A 210 22.17 18.27 19.50
CA THR A 210 23.56 17.94 19.20
C THR A 210 24.24 18.87 18.19
N GLY A 211 23.87 20.15 18.21
CA GLY A 211 24.44 21.10 17.28
C GLY A 211 23.45 21.71 16.31
N ASP A 212 23.96 22.58 15.43
CA ASP A 212 23.12 23.35 14.52
C ASP A 212 22.52 22.49 13.40
N ARG A 213 23.06 21.29 13.25
CA ARG A 213 22.53 20.34 12.29
C ARG A 213 21.11 19.94 12.70
N ASP A 214 20.84 19.94 14.00
CA ASP A 214 19.49 19.61 14.49
C ASP A 214 18.46 20.63 13.97
N GLY A 215 18.81 21.91 14.11
CA GLY A 215 17.99 22.99 13.61
C GLY A 215 17.83 22.98 12.11
N ASP A 216 18.94 22.69 11.41
CA ASP A 216 18.90 22.63 9.96
C ASP A 216 18.01 21.46 9.53
N SER A 217 18.07 20.36 10.27
CA SER A 217 17.21 19.21 10.05
C SER A 217 15.73 19.54 10.17
N ILE A 218 15.38 20.26 11.23
CA ILE A 218 14.00 20.67 11.45
C ILE A 218 13.47 21.65 10.38
N ASP A 219 14.31 22.62 10.02
CA ASP A 219 13.94 23.54 8.95
C ASP A 219 13.84 22.83 7.61
N MET A 220 14.73 21.89 7.34
CA MET A 220 14.68 21.15 6.08
C MET A 220 13.37 20.39 6.01
N ALA A 221 13.00 19.76 7.11
CA ALA A 221 11.75 18.99 7.15
C ALA A 221 10.50 19.84 6.94
N PHE A 222 10.48 21.05 7.51
CA PHE A 222 9.23 21.83 7.52
C PHE A 222 9.19 23.11 6.68
N SER A 223 10.32 23.55 6.14
CA SER A 223 10.32 24.81 5.39
C SER A 223 9.83 24.72 3.95
N LYS A 224 9.09 25.76 3.57
CA LYS A 224 8.56 25.96 2.23
C LYS A 224 9.66 26.15 1.20
N LYS A 225 10.85 26.54 1.66
CA LYS A 225 11.94 26.89 0.77
C LYS A 225 13.00 25.80 0.63
N ARG A 226 12.83 24.68 1.32
CA ARG A 226 13.84 23.63 1.30
C ARG A 226 13.37 22.37 0.56
N ILE A 227 12.47 22.54 -0.41
CA ILE A 227 11.83 21.40 -1.08
C ILE A 227 12.83 20.50 -1.80
N GLU A 228 13.76 21.08 -2.54
CA GLU A 228 14.80 20.30 -3.21
C GLU A 228 15.73 19.59 -2.23
N ASP A 229 16.06 20.24 -1.12
CA ASP A 229 16.83 19.60 -0.07
C ASP A 229 16.06 18.39 0.46
N ARG A 230 14.74 18.54 0.52
CA ARG A 230 13.86 17.48 0.97
C ARG A 230 13.85 16.32 -0.02
N LYS A 231 13.87 16.65 -1.32
CA LYS A 231 13.91 15.62 -2.36
C LYS A 231 15.21 14.83 -2.30
N LEU A 232 16.32 15.53 -2.07
CA LEU A 232 17.61 14.87 -1.92
C LEU A 232 17.60 13.98 -0.68
N TRP A 233 17.00 14.50 0.39
CA TRP A 233 16.89 13.81 1.66
C TRP A 233 16.08 12.52 1.54
N LEU A 234 14.97 12.59 0.81
CA LEU A 234 14.14 11.43 0.53
C LEU A 234 14.84 10.39 -0.33
N GLN A 235 15.59 10.87 -1.33
CA GLN A 235 16.32 9.98 -2.22
C GLN A 235 17.47 9.23 -1.55
N ASN A 236 18.12 9.89 -0.61
CA ASN A 236 19.32 9.35 0.02
C ASN A 236 18.98 8.53 1.25
N PHE A 237 17.71 8.25 1.42
CA PHE A 237 17.25 7.52 2.60
C PHE A 237 17.76 6.07 2.55
N ILE A 238 18.14 5.58 3.71
CA ILE A 238 18.66 4.22 3.90
C ILE A 238 17.53 3.36 4.46
N LEU A 239 17.12 2.34 3.70
CA LEU A 239 15.84 1.69 3.90
C LEU A 239 15.70 0.88 5.19
N GLY A 240 16.81 0.58 5.87
CA GLY A 240 16.74 -0.04 7.18
C GLY A 240 16.62 0.88 8.38
N SER A 241 16.58 2.19 8.13
CA SER A 241 16.73 3.16 9.22
C SER A 241 15.63 3.16 10.27
N TYR A 242 16.03 3.22 11.54
CA TYR A 242 15.09 3.18 12.65
C TYR A 242 15.71 3.82 13.89
N VAL A 243 14.85 4.31 14.78
CA VAL A 243 15.31 4.94 16.02
C VAL A 243 15.48 3.87 17.09
N ASP A 244 16.56 3.93 17.86
CA ASP A 244 16.79 2.93 18.89
C ASP A 244 16.16 3.37 20.22
N HIS A 245 15.00 2.80 20.52
CA HIS A 245 14.23 3.19 21.69
C HIS A 245 14.85 2.68 22.98
N LYS A 246 15.81 1.78 22.85
CA LYS A 246 16.54 1.26 24.01
C LYS A 246 17.28 2.42 24.67
N GLU A 247 17.74 3.35 23.82
CA GLU A 247 18.42 4.54 24.30
C GLU A 247 17.46 5.48 25.04
N LYS A 248 17.92 5.98 26.18
CA LYS A 248 17.19 6.97 26.94
C LYS A 248 17.19 8.34 26.28
N ASP A 249 18.03 8.51 25.26
CA ASP A 249 18.17 9.80 24.60
C ASP A 249 17.99 9.68 23.10
N LEU A 250 17.50 10.75 22.49
CA LEU A 250 17.32 10.78 21.05
C LEU A 250 17.63 12.19 20.57
N SER A 251 18.57 12.33 19.66
CA SER A 251 18.85 13.64 19.10
C SER A 251 17.75 14.06 18.14
N TYR A 252 17.57 15.37 17.98
CA TYR A 252 16.58 15.88 17.04
C TYR A 252 16.95 15.46 15.61
N TYR A 253 18.23 15.48 15.30
CA TYR A 253 18.70 15.10 13.97
C TYR A 253 18.39 13.62 13.66
N ASP A 254 18.66 12.73 14.60
CA ASP A 254 18.27 11.33 14.45
C ASP A 254 16.76 11.11 14.39
N PHE A 255 15.99 11.88 15.13
CA PHE A 255 14.54 11.75 15.05
C PHE A 255 14.04 12.15 13.65
N VAL A 256 14.53 13.28 13.15
CA VAL A 256 14.12 13.74 11.83
C VAL A 256 14.53 12.79 10.72
N ASN A 257 15.82 12.44 10.69
CA ASN A 257 16.38 11.54 9.68
C ASN A 257 15.94 10.07 9.73
N LYS A 258 15.72 9.54 10.93
CA LYS A 258 15.42 8.11 11.05
C LYS A 258 13.99 7.78 11.50
N GLU A 259 13.19 8.78 11.84
CA GLU A 259 11.80 8.51 12.21
C GLU A 259 10.81 9.37 11.42
N LEU A 260 10.97 10.69 11.44
CA LEU A 260 10.03 11.60 10.76
C LEU A 260 9.98 11.34 9.25
N ILE A 261 11.10 10.88 8.73
CA ILE A 261 11.25 10.68 7.30
C ILE A 261 10.21 9.70 6.78
N TYR A 262 9.80 8.75 7.62
CA TYR A 262 8.77 7.79 7.23
C TYR A 262 7.45 8.49 6.93
N TYR A 263 7.06 9.45 7.77
CA TYR A 263 5.89 10.25 7.42
C TYR A 263 6.13 11.06 6.16
N SER A 264 7.32 11.64 6.06
CA SER A 264 7.62 12.55 4.97
C SER A 264 7.53 11.88 3.60
N ARG A 265 7.93 10.62 3.54
CA ARG A 265 7.94 9.86 2.30
C ARG A 265 6.68 9.03 2.07
N TYR A 266 5.76 9.03 3.05
CA TYR A 266 4.56 8.21 2.92
C TYR A 266 3.59 8.61 1.80
N ASP A 267 3.42 9.91 1.59
CA ASP A 267 2.50 10.37 0.54
C ASP A 267 2.94 9.99 -0.86
N THR A 268 4.25 10.05 -1.09
CA THR A 268 4.83 9.60 -2.34
C THR A 268 4.62 8.09 -2.49
N GLU A 269 4.78 7.37 -1.39
CA GLU A 269 4.54 5.93 -1.39
C GLU A 269 3.09 5.62 -1.78
N ARG A 270 2.13 6.38 -1.22
CA ARG A 270 0.71 6.23 -1.57
C ARG A 270 0.35 6.62 -3.01
N SER A 271 1.00 7.65 -3.54
CA SER A 271 0.55 8.24 -4.80
C SER A 271 1.25 7.71 -6.05
N ILE A 272 2.41 7.06 -5.89
CA ILE A 272 3.22 6.65 -7.04
C ILE A 272 3.40 5.13 -7.08
N PRO A 273 3.00 4.48 -8.19
CA PRO A 273 3.08 3.02 -8.31
C PRO A 273 4.50 2.47 -8.49
N ASN A 274 4.68 1.20 -8.11
CA ASN A 274 5.88 0.43 -8.44
C ASN A 274 5.93 -0.02 -9.89
N ILE A 275 7.11 0.03 -10.48
CA ILE A 275 7.31 -0.36 -11.87
C ILE A 275 6.86 -1.80 -12.13
N MET A 276 7.14 -2.69 -11.18
CA MET A 276 6.92 -4.12 -11.36
C MET A 276 5.48 -4.57 -11.63
N ASP A 277 4.51 -4.00 -10.91
CA ASP A 277 3.11 -4.38 -11.16
C ASP A 277 2.20 -3.21 -11.56
N GLY A 278 2.75 -2.00 -11.60
CA GLY A 278 1.94 -0.83 -11.89
C GLY A 278 0.93 -0.46 -10.83
N TRP A 279 1.07 -1.05 -9.64
CA TRP A 279 0.11 -0.83 -8.56
C TRP A 279 0.62 0.20 -7.57
N LYS A 280 -0.26 1.12 -7.17
CA LYS A 280 -0.13 1.84 -5.92
C LYS A 280 -0.49 0.90 -4.76
N PRO A 281 -0.01 1.18 -3.53
CA PRO A 281 -0.18 0.20 -2.46
C PRO A 281 -1.65 -0.14 -2.15
N GLY A 282 -2.54 0.83 -2.18
CA GLY A 282 -3.95 0.54 -1.97
C GLY A 282 -4.60 -0.40 -2.98
N GLN A 283 -4.29 -0.20 -4.26
CA GLN A 283 -4.76 -1.13 -5.28
C GLN A 283 -4.16 -2.52 -5.04
N ARG A 284 -2.89 -2.55 -4.68
CA ARG A 284 -2.22 -3.82 -4.41
C ARG A 284 -2.87 -4.56 -3.22
N LYS A 285 -3.27 -3.81 -2.21
CA LYS A 285 -4.07 -4.39 -1.11
C LYS A 285 -5.38 -4.98 -1.63
N VAL A 286 -6.02 -4.28 -2.57
CA VAL A 286 -7.25 -4.81 -3.15
C VAL A 286 -7.03 -6.13 -3.92
N LEU A 287 -6.04 -6.15 -4.79
CA LEU A 287 -5.71 -7.36 -5.55
C LEU A 287 -5.29 -8.52 -4.66
N TYR A 288 -4.50 -8.22 -3.63
CA TYR A 288 -4.10 -9.23 -2.67
C TYR A 288 -5.30 -9.83 -1.95
N GLY A 289 -6.24 -8.97 -1.55
CA GLY A 289 -7.44 -9.43 -0.90
C GLY A 289 -8.26 -10.34 -1.82
N CYS A 290 -8.36 -9.95 -3.09
CA CYS A 290 -9.08 -10.77 -4.08
C CYS A 290 -8.45 -12.13 -4.32
N PHE A 291 -7.12 -12.18 -4.39
CA PHE A 291 -6.43 -13.47 -4.50
C PHE A 291 -6.56 -14.35 -3.26
N LYS A 292 -6.50 -13.75 -2.08
CA LYS A 292 -6.56 -14.54 -0.85
C LYS A 292 -7.88 -15.31 -0.70
N ARG A 293 -8.99 -14.66 -1.01
CA ARG A 293 -10.29 -15.34 -0.98
C ARG A 293 -10.60 -16.05 -2.29
N ASN A 294 -9.72 -15.86 -3.28
CA ASN A 294 -9.93 -16.38 -4.63
C ASN A 294 -11.25 -15.94 -5.25
N LEU A 295 -11.37 -14.65 -5.53
CA LEU A 295 -12.65 -14.05 -5.90
C LEU A 295 -12.98 -14.39 -7.36
N ARG A 296 -13.33 -15.64 -7.61
CA ARG A 296 -13.76 -16.06 -8.94
C ARG A 296 -15.26 -15.94 -9.16
N ASN A 297 -16.00 -15.78 -8.07
CA ASN A 297 -17.44 -15.48 -8.17
C ASN A 297 -17.75 -14.06 -7.68
N GLU A 298 -18.84 -13.52 -8.20
CA GLU A 298 -19.23 -12.15 -7.89
C GLU A 298 -19.50 -11.96 -6.40
N CYS A 299 -19.15 -10.79 -5.89
CA CYS A 299 -19.58 -10.36 -4.58
C CYS A 299 -19.84 -8.86 -4.63
N LYS A 300 -20.65 -8.35 -3.72
CA LYS A 300 -20.90 -6.92 -3.67
C LYS A 300 -19.61 -6.19 -3.35
N VAL A 301 -19.45 -5.02 -3.94
CA VAL A 301 -18.25 -4.21 -3.70
C VAL A 301 -18.15 -3.85 -2.23
N ALA A 302 -19.26 -3.49 -1.59
CA ALA A 302 -19.26 -3.18 -0.17
C ALA A 302 -18.78 -4.33 0.75
N GLN A 303 -19.16 -5.56 0.41
CA GLN A 303 -18.61 -6.74 1.08
C GLN A 303 -17.13 -6.96 0.82
N LEU A 304 -16.70 -6.72 -0.41
CA LEU A 304 -15.28 -6.78 -0.76
C LEU A 304 -14.50 -5.73 0.02
N VAL A 305 -15.12 -4.58 0.23
CA VAL A 305 -14.51 -3.49 0.99
C VAL A 305 -14.28 -3.93 2.42
N GLY A 306 -15.30 -4.53 3.03
CA GLY A 306 -15.09 -5.10 4.35
C GLY A 306 -14.02 -6.18 4.47
N TYR A 307 -13.98 -7.09 3.49
CA TYR A 307 -12.95 -8.12 3.46
C TYR A 307 -11.52 -7.60 3.30
N ILE A 308 -11.33 -6.66 2.38
CA ILE A 308 -10.03 -6.02 2.19
C ILE A 308 -9.60 -5.23 3.42
N ALA A 309 -10.54 -4.50 4.02
CA ALA A 309 -10.20 -3.74 5.22
C ALA A 309 -9.71 -4.68 6.32
N GLU A 310 -10.37 -5.83 6.50
CA GLU A 310 -9.84 -6.81 7.44
C GLU A 310 -8.49 -7.47 7.08
N HIS A 311 -8.32 -7.88 5.83
CA HIS A 311 -7.19 -8.75 5.45
C HIS A 311 -5.96 -8.07 4.83
N SER A 312 -6.11 -6.83 4.39
CA SER A 312 -5.02 -6.14 3.70
C SER A 312 -4.50 -4.92 4.49
N ALA A 313 -5.08 -4.68 5.65
CA ALA A 313 -4.74 -3.53 6.49
C ALA A 313 -4.83 -2.19 5.76
N TYR A 314 -5.98 -1.92 5.15
CA TYR A 314 -6.20 -0.66 4.48
C TYR A 314 -6.73 0.34 5.52
N HIS A 315 -6.05 1.47 5.68
CA HIS A 315 -6.41 2.42 6.73
C HIS A 315 -6.97 3.78 6.30
N HIS A 316 -7.28 3.97 5.02
CA HIS A 316 -7.71 5.29 4.56
C HIS A 316 -9.21 5.45 4.41
N GLY A 317 -9.96 4.49 4.94
CA GLY A 317 -11.41 4.59 4.96
C GLY A 317 -12.15 3.96 3.80
N GLU A 318 -13.43 3.66 4.05
CA GLU A 318 -14.27 2.92 3.13
C GLU A 318 -14.49 3.64 1.80
N SER A 319 -14.63 4.97 1.83
CA SER A 319 -14.86 5.74 0.60
C SER A 319 -13.72 5.61 -0.43
N SER A 320 -12.48 5.84 0.04
CA SER A 320 -11.32 5.58 -0.80
C SER A 320 -11.16 4.13 -1.24
N LEU A 321 -11.43 3.18 -0.35
CA LEU A 321 -11.37 1.77 -0.72
C LEU A 321 -12.39 1.34 -1.80
N GLN A 322 -13.63 1.81 -1.63
CA GLN A 322 -14.69 1.64 -2.63
C GLN A 322 -14.25 2.17 -3.97
N GLN A 323 -13.77 3.41 -3.96
CA GLN A 323 -13.31 4.04 -5.18
C GLN A 323 -12.15 3.28 -5.83
N THR A 324 -11.22 2.79 -5.03
CA THR A 324 -10.07 2.03 -5.55
C THR A 324 -10.51 0.76 -6.26
N ILE A 325 -11.47 0.05 -5.67
CA ILE A 325 -12.01 -1.15 -6.32
C ILE A 325 -12.73 -0.82 -7.62
N ILE A 326 -13.56 0.21 -7.57
CA ILE A 326 -14.31 0.67 -8.73
C ILE A 326 -13.38 1.08 -9.87
N ASN A 327 -12.33 1.84 -9.55
CA ASN A 327 -11.39 2.29 -10.57
C ASN A 327 -10.70 1.09 -11.17
N MET A 328 -10.47 0.06 -10.36
CA MET A 328 -9.81 -1.13 -10.89
C MET A 328 -10.76 -1.91 -11.79
N ALA A 329 -12.07 -1.68 -11.69
CA ALA A 329 -13.00 -2.36 -12.61
C ALA A 329 -13.41 -1.60 -13.89
N GLN A 330 -13.14 -0.30 -13.99
CA GLN A 330 -13.57 0.52 -15.14
C GLN A 330 -12.96 0.18 -16.52
N THR A 331 -13.83 0.19 -17.53
CA THR A 331 -13.47 -0.22 -18.89
C THR A 331 -13.68 0.83 -19.97
N PHE A 332 -14.21 2.00 -19.60
CA PHE A 332 -14.56 3.03 -20.58
C PHE A 332 -13.34 3.68 -21.21
N VAL A 333 -13.54 4.35 -22.34
CA VAL A 333 -12.43 4.98 -23.06
C VAL A 333 -11.65 5.95 -22.18
N GLY A 334 -10.34 5.78 -22.15
CA GLY A 334 -9.46 6.59 -21.33
C GLY A 334 -9.17 6.04 -19.94
N SER A 335 -9.80 4.93 -19.57
CA SER A 335 -9.48 4.25 -18.32
C SER A 335 -8.52 3.08 -18.55
N ASN A 336 -8.87 1.88 -18.10
CA ASN A 336 -7.96 0.75 -18.27
C ASN A 336 -8.02 0.09 -19.64
N ASN A 337 -6.84 -0.10 -20.23
CA ASN A 337 -6.69 -0.96 -21.41
C ASN A 337 -7.03 -2.40 -21.04
N ILE A 338 -6.60 -2.84 -19.86
CA ILE A 338 -7.02 -4.12 -19.32
C ILE A 338 -7.43 -3.98 -17.86
N ASN A 339 -8.73 -4.08 -17.62
CA ASN A 339 -9.27 -4.08 -16.27
C ASN A 339 -9.06 -5.44 -15.61
N PHE A 340 -8.46 -5.45 -14.42
CA PHE A 340 -8.25 -6.70 -13.69
C PHE A 340 -9.38 -7.05 -12.72
N LEU A 341 -10.32 -6.13 -12.55
CA LEU A 341 -11.55 -6.46 -11.84
C LEU A 341 -12.68 -6.29 -12.87
N GLU A 342 -13.66 -7.18 -12.83
CA GLU A 342 -14.84 -7.08 -13.70
C GLU A 342 -15.92 -6.15 -13.18
N PRO A 343 -16.40 -5.23 -14.03
CA PRO A 343 -17.49 -4.34 -13.62
C PRO A 343 -18.87 -4.98 -13.81
N CYS A 344 -19.32 -5.69 -12.78
CA CYS A 344 -20.63 -6.34 -12.81
C CYS A 344 -21.69 -5.39 -12.28
N GLY A 345 -22.09 -4.44 -13.12
CA GLY A 345 -22.99 -3.38 -12.72
C GLY A 345 -22.57 -2.04 -13.29
N GLN A 346 -23.07 -0.95 -12.70
CA GLN A 346 -22.73 0.38 -13.16
C GLN A 346 -21.49 0.91 -12.45
N PHE A 347 -20.36 0.89 -13.14
CA PHE A 347 -19.09 1.28 -12.54
C PHE A 347 -18.63 2.64 -13.03
N GLY A 348 -19.55 3.34 -13.70
CA GLY A 348 -19.28 4.63 -14.31
C GLY A 348 -18.83 4.58 -15.76
N SER A 349 -18.74 5.76 -16.36
CA SER A 349 -18.60 5.88 -17.79
C SER A 349 -17.72 7.07 -18.18
N ARG A 350 -17.51 7.23 -19.48
CA ARG A 350 -16.80 8.38 -20.03
C ARG A 350 -17.53 9.69 -19.84
N LYS A 351 -18.83 9.64 -19.56
CA LYS A 351 -19.63 10.85 -19.39
C LYS A 351 -19.06 11.70 -18.27
N GLU A 352 -18.71 11.06 -17.16
CA GLU A 352 -18.16 11.76 -16.02
C GLU A 352 -16.80 11.26 -15.55
N GLY A 353 -16.11 10.50 -16.40
CA GLY A 353 -14.85 9.88 -16.02
C GLY A 353 -14.91 8.91 -14.85
N GLY A 354 -15.99 8.15 -14.76
CA GLY A 354 -16.15 7.19 -13.69
C GLY A 354 -16.78 7.73 -12.41
N LYS A 355 -16.93 9.04 -12.33
CA LYS A 355 -17.59 9.66 -11.19
C LYS A 355 -19.02 9.15 -11.03
N ASP A 356 -19.60 8.72 -12.14
CA ASP A 356 -21.01 8.31 -12.20
C ASP A 356 -21.18 6.82 -11.87
N ALA A 357 -20.24 6.27 -11.11
CA ALA A 357 -20.36 4.89 -10.63
C ALA A 357 -21.50 4.78 -9.62
N SER A 358 -22.12 3.61 -9.55
CA SER A 358 -23.24 3.39 -8.63
C SER A 358 -22.72 3.07 -7.24
N ALA A 359 -23.62 3.03 -6.26
CA ALA A 359 -23.24 2.76 -4.88
C ALA A 359 -22.65 1.35 -4.69
N ALA A 360 -21.62 1.28 -3.88
CA ALA A 360 -20.94 0.02 -3.52
C ALA A 360 -21.87 -1.08 -3.03
N ARG A 361 -22.97 -0.68 -2.40
CA ARG A 361 -23.92 -1.65 -1.87
C ARG A 361 -24.58 -2.49 -2.96
N TYR A 362 -24.77 -1.93 -4.15
CA TYR A 362 -25.51 -2.66 -5.20
C TYR A 362 -24.70 -3.13 -6.42
N ILE A 363 -23.43 -2.77 -6.51
CA ILE A 363 -22.62 -3.24 -7.63
C ILE A 363 -21.74 -4.44 -7.25
N PHE A 364 -21.56 -5.37 -8.19
CA PHE A 364 -20.74 -6.56 -7.96
C PHE A 364 -19.44 -6.52 -8.73
N THR A 365 -18.44 -7.24 -8.24
CA THR A 365 -17.17 -7.38 -8.94
C THR A 365 -16.55 -8.75 -8.64
N LYS A 366 -15.61 -9.13 -9.50
CA LYS A 366 -14.85 -10.37 -9.35
C LYS A 366 -13.59 -10.16 -10.15
N LEU A 367 -12.64 -11.08 -10.04
CA LEU A 367 -11.45 -11.01 -10.87
C LEU A 367 -11.87 -11.12 -12.33
N ALA A 368 -11.30 -10.26 -13.17
CA ALA A 368 -11.53 -10.35 -14.59
C ALA A 368 -10.91 -11.64 -15.10
N SER A 369 -11.43 -12.16 -16.20
CA SER A 369 -11.07 -13.50 -16.67
C SER A 369 -9.57 -13.62 -16.98
N SER A 370 -8.94 -12.53 -17.38
CA SER A 370 -7.52 -12.55 -17.76
C SER A 370 -6.56 -12.42 -16.57
N THR A 371 -7.05 -12.01 -15.41
CA THR A 371 -6.17 -11.56 -14.33
C THR A 371 -5.18 -12.60 -13.80
N ARG A 372 -5.65 -13.83 -13.59
CA ARG A 372 -4.79 -14.89 -13.07
C ARG A 372 -3.78 -15.45 -14.08
N SER A 373 -4.04 -15.26 -15.37
CA SER A 373 -3.01 -15.53 -16.37
C SER A 373 -1.89 -14.48 -16.35
N ILE A 374 -2.28 -13.21 -16.26
CA ILE A 374 -1.31 -12.12 -16.16
C ILE A 374 -0.55 -12.10 -14.82
N PHE A 375 -1.28 -12.17 -13.71
CA PHE A 375 -0.67 -12.40 -12.41
C PHE A 375 -0.70 -13.89 -12.09
N ASN A 376 0.27 -14.61 -12.64
CA ASN A 376 0.34 -16.06 -12.51
C ASN A 376 0.54 -16.47 -11.06
N GLU A 377 -0.36 -17.32 -10.58
CA GLU A 377 -0.37 -17.75 -9.18
C GLU A 377 0.88 -18.55 -8.78
N TYR A 378 1.56 -19.16 -9.76
CA TYR A 378 2.84 -19.83 -9.47
C TYR A 378 3.87 -18.85 -8.91
N ASP A 379 3.72 -17.58 -9.26
CA ASP A 379 4.55 -16.50 -8.72
C ASP A 379 4.19 -16.09 -7.28
N ASP A 380 3.00 -16.43 -6.79
CA ASP A 380 2.58 -15.93 -5.48
C ASP A 380 3.56 -16.32 -4.34
N PRO A 381 4.04 -17.58 -4.31
CA PRO A 381 4.91 -17.94 -3.19
C PRO A 381 6.30 -17.29 -3.19
N ILE A 382 6.75 -16.70 -4.29
CA ILE A 382 8.10 -16.14 -4.32
C ILE A 382 8.14 -14.63 -4.07
N LEU A 383 6.98 -14.03 -3.85
CA LEU A 383 6.93 -12.61 -3.53
C LEU A 383 7.25 -12.38 -2.06
N LYS A 384 7.61 -11.13 -1.75
CA LYS A 384 7.93 -10.70 -0.39
C LYS A 384 6.70 -10.02 0.19
N TYR A 385 6.06 -10.68 1.16
CA TYR A 385 4.89 -10.15 1.80
C TYR A 385 5.23 -9.31 3.02
N LEU A 386 4.58 -8.16 3.12
CA LEU A 386 4.76 -7.26 4.25
C LEU A 386 4.10 -7.82 5.51
N ASN A 387 4.65 -7.43 6.65
CA ASN A 387 4.11 -7.80 7.95
C ASN A 387 3.68 -6.55 8.69
N GLU A 388 2.40 -6.47 9.04
CA GLU A 388 1.93 -5.36 9.86
C GLU A 388 1.36 -5.88 11.17
N GLU A 389 2.00 -5.48 12.27
CA GLU A 389 1.63 -5.93 13.61
C GLU A 389 1.32 -7.42 13.69
N GLY A 390 2.14 -8.22 13.01
CA GLY A 390 2.02 -9.67 13.01
C GLY A 390 1.12 -10.27 11.95
N GLN A 391 0.39 -9.44 11.23
CA GLN A 391 -0.50 -9.91 10.16
C GLN A 391 0.22 -9.92 8.82
N LYS A 392 0.05 -11.00 8.07
CA LYS A 392 0.60 -11.09 6.72
C LYS A 392 -0.32 -10.37 5.75
N ILE A 393 0.18 -9.28 5.17
CA ILE A 393 -0.59 -8.47 4.24
C ILE A 393 -0.03 -8.54 2.81
N GLU A 394 -0.33 -7.52 2.01
CA GLU A 394 0.05 -7.53 0.60
C GLU A 394 1.57 -7.48 0.40
N PRO A 395 2.05 -8.02 -0.72
CA PRO A 395 3.50 -8.07 -0.99
C PRO A 395 4.08 -6.72 -1.35
N GLN A 396 5.41 -6.63 -1.41
CA GLN A 396 6.06 -5.38 -1.77
C GLN A 396 5.61 -5.00 -3.18
N TYR A 397 5.59 -5.98 -4.06
CA TYR A 397 4.93 -5.86 -5.36
C TYR A 397 4.65 -7.23 -5.95
N TYR A 398 3.68 -7.29 -6.85
CA TYR A 398 3.49 -8.47 -7.69
C TYR A 398 4.45 -8.45 -8.85
N ILE A 399 4.71 -9.62 -9.41
CA ILE A 399 5.48 -9.72 -10.64
C ILE A 399 4.64 -10.39 -11.71
N PRO A 400 3.91 -9.58 -12.49
CA PRO A 400 3.09 -10.09 -13.60
C PRO A 400 3.93 -10.56 -14.77
N VAL A 401 3.30 -11.30 -15.68
CA VAL A 401 3.96 -11.85 -16.86
C VAL A 401 4.37 -10.75 -17.83
N ILE A 402 3.61 -9.66 -17.86
CA ILE A 402 3.90 -8.53 -18.73
C ILE A 402 3.88 -7.25 -17.89
N PRO A 403 4.53 -6.17 -18.37
CA PRO A 403 4.53 -5.01 -17.49
C PRO A 403 3.23 -4.21 -17.54
N THR A 404 2.37 -4.48 -16.58
CA THR A 404 1.03 -3.92 -16.52
C THR A 404 1.05 -2.40 -16.41
N ILE A 405 2.13 -1.86 -15.85
CA ILE A 405 2.28 -0.42 -15.73
C ILE A 405 2.21 0.27 -17.10
N LEU A 406 2.81 -0.33 -18.12
CA LEU A 406 2.66 0.14 -19.50
C LEU A 406 1.28 -0.11 -20.10
N VAL A 407 0.63 -1.20 -19.71
CA VAL A 407 -0.73 -1.44 -20.19
C VAL A 407 -1.74 -0.40 -19.71
N ASN A 408 -1.77 -0.11 -18.41
CA ASN A 408 -2.75 0.86 -17.92
C ASN A 408 -2.21 2.23 -17.52
N GLY A 409 -0.90 2.41 -17.58
CA GLY A 409 -0.33 3.70 -17.26
C GLY A 409 -0.49 4.08 -15.80
N CYS A 410 -0.29 5.36 -15.51
CA CYS A 410 -0.65 5.88 -14.19
C CYS A 410 -0.69 7.39 -14.18
N GLU A 411 -1.45 7.96 -13.24
CA GLU A 411 -1.32 9.38 -12.96
C GLU A 411 -1.30 9.55 -11.46
N GLY A 412 -0.22 10.14 -10.97
CA GLY A 412 -0.04 10.33 -9.56
C GLY A 412 0.37 11.74 -9.19
N ILE A 413 -0.30 12.32 -8.21
CA ILE A 413 0.23 13.50 -7.55
C ILE A 413 0.28 13.33 -6.04
N GLY A 414 1.49 13.41 -5.51
CA GLY A 414 1.69 13.66 -4.11
C GLY A 414 2.10 15.11 -4.06
N THR A 415 2.88 15.49 -3.06
CA THR A 415 3.57 16.78 -3.10
C THR A 415 5.08 16.58 -3.20
N GLY A 416 5.69 17.20 -4.21
CA GLY A 416 7.12 17.10 -4.42
C GLY A 416 7.41 15.98 -5.40
N TYR A 417 6.45 15.08 -5.58
CA TYR A 417 6.56 14.15 -6.70
C TYR A 417 5.22 13.88 -7.38
N SER A 418 5.27 13.80 -8.70
CA SER A 418 4.16 13.42 -9.54
C SER A 418 4.62 12.40 -10.57
N SER A 419 3.68 11.74 -11.23
CA SER A 419 4.00 10.86 -12.35
C SER A 419 2.88 10.76 -13.38
N PHE A 420 3.23 10.77 -14.66
CA PHE A 420 2.28 10.33 -15.66
C PHE A 420 2.86 9.32 -16.64
N ILE A 421 2.16 8.21 -16.81
CA ILE A 421 2.47 7.24 -17.86
C ILE A 421 1.21 6.99 -18.67
N PRO A 422 1.32 7.06 -19.99
CA PRO A 422 0.22 6.74 -20.91
C PRO A 422 -0.10 5.26 -21.00
N ASN A 423 -1.27 4.96 -21.52
CA ASN A 423 -1.62 3.58 -21.85
C ASN A 423 -0.85 3.15 -23.09
N TYR A 424 -0.59 1.85 -23.20
CA TYR A 424 0.10 1.31 -24.38
C TYR A 424 -0.59 0.04 -24.84
N ASN A 425 -0.36 -0.34 -26.09
CA ASN A 425 -0.87 -1.58 -26.63
C ASN A 425 -0.10 -2.78 -26.08
N TYR A 426 -0.82 -3.72 -25.51
CA TYR A 426 -0.21 -4.92 -24.94
C TYR A 426 0.53 -5.73 -26.01
N LYS A 427 0.05 -5.68 -27.25
CA LYS A 427 0.72 -6.34 -28.37
C LYS A 427 2.11 -5.77 -28.66
N ASP A 428 2.22 -4.44 -28.66
CA ASP A 428 3.52 -3.77 -28.78
C ASP A 428 4.46 -4.12 -27.63
N ILE A 429 3.90 -4.19 -26.43
CA ILE A 429 4.64 -4.59 -25.24
C ILE A 429 5.17 -6.01 -25.35
N ILE A 430 4.30 -6.94 -25.73
CA ILE A 430 4.67 -8.33 -25.95
C ILE A 430 5.71 -8.50 -27.08
N ASP A 431 5.64 -7.70 -28.15
CA ASP A 431 6.69 -7.89 -29.15
C ASP A 431 8.01 -7.27 -28.72
N ASN A 432 7.96 -6.24 -27.88
CA ASN A 432 9.18 -5.80 -27.23
C ASN A 432 9.77 -6.83 -26.26
N ILE A 433 8.91 -7.54 -25.53
CA ILE A 433 9.40 -8.59 -24.64
C ILE A 433 10.08 -9.72 -25.42
N LYS A 434 9.46 -10.12 -26.53
CA LYS A 434 10.07 -11.14 -27.36
C LYS A 434 11.39 -10.65 -27.97
N ARG A 435 11.45 -9.37 -28.33
CA ARG A 435 12.74 -8.82 -28.76
C ARG A 435 13.79 -8.81 -27.64
N TYR A 436 13.39 -8.56 -26.41
CA TYR A 436 14.31 -8.60 -25.27
C TYR A 436 14.85 -10.02 -25.05
N ILE A 437 13.98 -11.02 -25.18
CA ILE A 437 14.40 -12.40 -25.06
C ILE A 437 15.40 -12.79 -26.16
N ASN A 438 15.20 -12.26 -27.37
CA ASN A 438 16.05 -12.64 -28.52
C ASN A 438 17.23 -11.69 -28.84
N LYS A 439 17.54 -10.77 -27.93
CA LYS A 439 18.58 -9.75 -28.15
C LYS A 439 18.35 -8.98 -29.45
N GLU A 440 17.09 -8.68 -29.74
CA GLU A 440 16.73 -7.88 -30.90
C GLU A 440 16.46 -6.46 -30.42
N PRO A 441 16.75 -5.46 -31.27
CA PRO A 441 16.50 -4.08 -30.81
C PRO A 441 15.04 -3.84 -30.47
N LEU A 442 14.81 -3.15 -29.36
CA LEU A 442 13.47 -2.77 -28.93
C LEU A 442 12.92 -1.62 -29.76
N ILE A 443 11.61 -1.66 -30.02
CA ILE A 443 10.97 -0.64 -30.84
C ILE A 443 10.19 0.32 -29.96
N PRO A 444 10.37 1.63 -30.18
CA PRO A 444 9.65 2.61 -29.38
C PRO A 444 8.15 2.45 -29.57
N MET A 445 7.39 2.66 -28.51
CA MET A 445 5.95 2.40 -28.59
C MET A 445 5.17 3.70 -28.57
N VAL A 446 4.11 3.74 -29.35
CA VAL A 446 3.19 4.87 -29.37
C VAL A 446 2.01 4.57 -28.46
N PRO A 447 1.58 5.58 -27.68
CA PRO A 447 0.49 5.38 -26.73
C PRO A 447 -0.77 4.91 -27.45
N TRP A 448 -1.46 3.93 -26.87
CA TRP A 448 -2.62 3.34 -27.50
C TRP A 448 -3.73 3.12 -26.48
N TYR A 449 -4.96 3.46 -26.86
CA TYR A 449 -6.09 3.43 -25.94
C TYR A 449 -7.22 2.59 -26.50
N LYS A 450 -7.70 1.62 -25.73
CA LYS A 450 -8.77 0.73 -26.19
C LYS A 450 -10.08 1.48 -26.44
N ASP A 451 -10.60 1.27 -27.65
CA ASP A 451 -11.88 1.80 -28.14
C ASP A 451 -11.83 3.28 -28.51
N PHE A 452 -10.66 3.89 -28.43
CA PHE A 452 -10.50 5.27 -28.88
C PHE A 452 -10.53 5.31 -30.41
N LYS A 453 -11.34 6.20 -30.97
CA LYS A 453 -11.47 6.30 -32.44
C LYS A 453 -10.70 7.44 -33.10
N GLY A 454 -10.10 8.31 -32.29
CA GLY A 454 -9.34 9.43 -32.84
C GLY A 454 -7.90 9.13 -33.19
N ARG A 455 -7.11 10.19 -33.33
CA ARG A 455 -5.72 10.00 -33.72
C ARG A 455 -4.76 10.23 -32.55
N ILE A 456 -3.68 9.48 -32.51
CA ILE A 456 -2.61 9.73 -31.57
C ILE A 456 -1.32 9.92 -32.38
N GLU A 457 -0.69 11.07 -32.22
CA GLU A 457 0.52 11.35 -32.99
C GLU A 457 1.56 12.10 -32.13
N SER A 458 2.84 11.91 -32.45
CA SER A 458 3.88 12.61 -31.71
C SER A 458 3.79 14.12 -31.90
N ASN A 459 4.00 14.87 -30.81
CA ASN A 459 4.09 16.32 -30.90
C ASN A 459 5.53 16.75 -31.13
N GLY A 460 6.40 15.76 -31.20
CA GLY A 460 7.79 15.96 -31.59
C GLY A 460 8.74 16.38 -30.48
N LYS A 461 8.19 16.66 -29.30
CA LYS A 461 9.00 17.24 -28.23
C LYS A 461 8.81 16.57 -26.88
N THR A 462 7.63 16.78 -26.29
CA THR A 462 7.36 16.32 -24.93
C THR A 462 6.51 15.07 -24.84
N GLY A 463 6.09 14.52 -25.97
CA GLY A 463 5.11 13.46 -25.94
C GLY A 463 4.22 13.34 -27.15
N TYR A 464 2.96 13.04 -26.90
CA TYR A 464 1.99 12.73 -27.94
C TYR A 464 0.72 13.55 -27.79
N GLU A 465 -0.06 13.61 -28.86
CA GLU A 465 -1.30 14.34 -28.87
C GLU A 465 -2.41 13.40 -29.33
N THR A 466 -3.56 13.49 -28.67
CA THR A 466 -4.72 12.73 -29.10
C THR A 466 -5.76 13.71 -29.61
N ILE A 467 -6.38 13.36 -30.73
CA ILE A 467 -7.30 14.25 -31.41
C ILE A 467 -8.62 13.53 -31.64
N GLY A 468 -9.71 14.21 -31.30
CA GLY A 468 -11.06 13.72 -31.52
C GLY A 468 -11.51 13.90 -32.96
N ILE A 469 -12.75 13.51 -33.25
CA ILE A 469 -13.25 13.62 -34.62
C ILE A 469 -14.38 14.63 -34.73
N ILE A 470 -14.17 15.59 -35.63
CA ILE A 470 -15.17 16.60 -35.98
C ILE A 470 -15.28 16.73 -37.51
N ASN A 471 -16.51 16.73 -38.02
CA ASN A 471 -16.77 16.75 -39.45
C ASN A 471 -17.70 17.87 -39.85
N LYS A 472 -17.48 18.41 -41.04
CA LYS A 472 -18.42 19.36 -41.62
C LYS A 472 -19.57 18.57 -42.23
N ILE A 473 -20.79 18.90 -41.82
CA ILE A 473 -21.98 18.25 -42.35
C ILE A 473 -22.52 19.04 -43.55
N ASP A 474 -22.66 20.33 -43.33
CA ASP A 474 -23.01 21.26 -44.39
C ASP A 474 -22.49 22.64 -43.96
N ASN A 475 -22.90 23.69 -44.66
CA ASN A 475 -22.34 25.02 -44.42
C ASN A 475 -22.75 25.64 -43.09
N ASP A 476 -23.74 25.05 -42.44
CA ASP A 476 -24.23 25.56 -41.17
C ASP A 476 -23.95 24.62 -40.01
N THR A 477 -23.60 23.38 -40.34
CA THR A 477 -23.63 22.30 -39.37
C THR A 477 -22.30 21.54 -39.21
N LEU A 478 -21.88 21.33 -37.96
CA LEU A 478 -20.73 20.50 -37.62
C LEU A 478 -21.18 19.28 -36.81
N GLU A 479 -20.49 18.16 -36.91
CA GLU A 479 -20.79 17.03 -36.01
C GLU A 479 -19.53 16.50 -35.35
N ILE A 480 -19.59 16.27 -34.04
CA ILE A 480 -18.48 15.69 -33.30
C ILE A 480 -18.83 14.28 -32.87
N THR A 481 -18.01 13.33 -33.31
CA THR A 481 -18.24 11.93 -32.99
C THR A 481 -17.14 11.27 -32.15
N GLU A 482 -16.14 12.04 -31.74
CA GLU A 482 -15.14 11.52 -30.81
C GLU A 482 -14.44 12.65 -30.06
N LEU A 483 -14.24 12.44 -28.76
CA LEU A 483 -13.50 13.36 -27.92
C LEU A 483 -12.08 12.86 -27.67
N PRO A 484 -11.12 13.78 -27.43
CA PRO A 484 -9.75 13.37 -27.09
C PRO A 484 -9.69 12.60 -25.77
N ILE A 485 -8.58 11.90 -25.54
CA ILE A 485 -8.49 11.06 -24.37
C ILE A 485 -8.64 11.85 -23.07
N LYS A 486 -9.54 11.34 -22.22
CA LYS A 486 -9.80 11.85 -20.88
C LYS A 486 -10.60 13.15 -20.82
N LYS A 487 -11.14 13.61 -21.94
CA LYS A 487 -12.12 14.68 -21.88
C LYS A 487 -13.48 14.02 -21.79
N TRP A 488 -14.06 14.08 -20.60
CA TRP A 488 -15.35 13.52 -20.28
C TRP A 488 -16.48 14.28 -20.96
N THR A 489 -17.52 13.55 -21.35
CA THR A 489 -18.61 14.07 -22.18
C THR A 489 -19.35 15.24 -21.53
N GLN A 490 -19.63 15.12 -20.23
CA GLN A 490 -20.33 16.17 -19.53
C GLN A 490 -19.55 17.49 -19.45
N ASP A 491 -18.24 17.41 -19.23
CA ASP A 491 -17.40 18.60 -19.24
C ASP A 491 -17.40 19.29 -20.60
N TYR A 492 -17.31 18.48 -21.65
CA TYR A 492 -17.34 19.00 -23.00
C TYR A 492 -18.67 19.66 -23.33
N LYS A 493 -19.76 19.03 -22.90
CA LYS A 493 -21.07 19.60 -23.11
C LYS A 493 -21.19 20.96 -22.44
N GLU A 494 -20.64 21.06 -21.24
CA GLU A 494 -20.64 22.34 -20.55
C GLU A 494 -19.83 23.37 -21.35
N PHE A 495 -18.73 22.93 -21.95
CA PHE A 495 -17.93 23.83 -22.79
C PHE A 495 -18.69 24.34 -24.03
N LEU A 496 -19.45 23.47 -24.69
CA LEU A 496 -20.30 23.91 -25.80
C LEU A 496 -21.37 24.89 -25.36
N GLU A 497 -21.93 24.62 -24.18
CA GLU A 497 -22.92 25.56 -23.64
C GLU A 497 -22.30 26.91 -23.37
N GLU A 498 -21.07 26.96 -22.85
CA GLU A 498 -20.42 28.25 -22.62
C GLU A 498 -20.11 28.91 -23.97
N LEU A 499 -19.89 28.13 -25.03
CA LEU A 499 -19.73 28.74 -26.35
C LEU A 499 -21.01 29.44 -26.79
N LEU A 500 -22.16 28.93 -26.38
CA LEU A 500 -23.44 29.55 -26.74
C LEU A 500 -23.62 31.00 -26.21
N THR A 501 -23.09 31.27 -25.01
CA THR A 501 -23.14 32.58 -24.36
C THR A 501 -22.15 33.63 -24.89
N ASP A 502 -22.52 34.91 -24.78
CA ASP A 502 -21.75 36.00 -25.41
C ASP A 502 -20.37 36.18 -24.81
N GLU A 503 -20.15 35.64 -23.62
CA GLU A 503 -18.84 35.81 -22.99
C GLU A 503 -17.82 35.08 -23.86
N LYS A 504 -18.33 34.21 -24.73
CA LYS A 504 -17.49 33.51 -25.70
C LYS A 504 -17.89 33.93 -27.11
N HIS A 505 -18.43 35.13 -27.24
CA HIS A 505 -18.76 35.73 -28.54
C HIS A 505 -19.71 34.95 -29.43
N GLN A 506 -20.65 34.20 -28.84
CA GLN A 506 -21.71 33.54 -29.59
C GLN A 506 -21.12 32.69 -30.73
N LEU A 507 -20.09 31.90 -30.42
CA LEU A 507 -19.38 31.17 -31.46
C LEU A 507 -20.33 30.21 -32.17
N ILE A 508 -21.25 29.60 -31.43
CA ILE A 508 -22.19 28.67 -32.03
C ILE A 508 -23.63 29.14 -31.75
N LEU A 509 -24.51 28.90 -32.72
CA LEU A 509 -25.94 29.13 -32.57
C LEU A 509 -26.66 28.11 -31.72
N ASP A 510 -26.35 26.83 -31.91
CA ASP A 510 -27.10 25.78 -31.21
C ASP A 510 -26.38 24.44 -31.22
N TYR A 511 -26.72 23.56 -30.28
CA TYR A 511 -26.17 22.21 -30.33
C TYR A 511 -27.18 21.20 -29.79
N ILE A 512 -27.14 19.99 -30.33
CA ILE A 512 -27.87 18.86 -29.77
C ILE A 512 -26.87 17.80 -29.32
N ASP A 513 -27.03 17.33 -28.09
CA ASP A 513 -26.15 16.28 -27.59
C ASP A 513 -26.94 14.98 -27.44
N ASN A 514 -26.64 14.00 -28.30
CA ASN A 514 -27.20 12.67 -28.15
C ASN A 514 -26.14 11.63 -27.85
N SER A 515 -25.06 12.05 -27.20
CA SER A 515 -24.03 11.13 -26.80
C SER A 515 -24.63 10.08 -25.86
N SER A 516 -24.20 8.83 -26.01
CA SER A 516 -24.70 7.76 -25.18
C SER A 516 -23.81 7.65 -23.95
N HIS A 517 -23.90 6.52 -23.25
CA HIS A 517 -23.01 6.27 -22.14
C HIS A 517 -21.57 6.05 -22.60
N GLU A 518 -21.38 5.57 -23.83
CA GLU A 518 -20.03 5.31 -24.30
C GLU A 518 -19.64 5.88 -25.68
N ASP A 519 -20.60 6.41 -26.44
CA ASP A 519 -20.26 7.07 -27.71
C ASP A 519 -20.51 8.58 -27.70
N ILE A 520 -19.96 9.27 -28.70
CA ILE A 520 -20.00 10.73 -28.75
C ILE A 520 -20.82 11.22 -29.94
N CYS A 521 -21.82 12.04 -29.68
CA CYS A 521 -22.65 12.64 -30.73
C CYS A 521 -23.08 14.07 -30.42
N PHE A 522 -22.28 15.05 -30.86
CA PHE A 522 -22.72 16.43 -30.75
C PHE A 522 -23.00 16.99 -32.13
N THR A 523 -24.16 17.60 -32.32
CA THR A 523 -24.47 18.26 -33.59
C THR A 523 -24.54 19.76 -33.34
N ILE A 524 -23.76 20.52 -34.08
CA ILE A 524 -23.60 21.94 -33.80
C ILE A 524 -24.04 22.83 -34.96
N LYS A 525 -24.77 23.89 -34.64
CA LYS A 525 -25.26 24.84 -35.61
C LYS A 525 -24.50 26.15 -35.39
N MET A 526 -24.01 26.70 -36.49
CA MET A 526 -23.14 27.87 -36.50
C MET A 526 -23.53 28.89 -37.57
N ASP A 527 -23.13 30.13 -37.35
CA ASP A 527 -23.12 31.12 -38.42
C ASP A 527 -22.18 30.60 -39.51
N PRO A 528 -22.65 30.62 -40.77
CA PRO A 528 -21.84 30.04 -41.87
C PRO A 528 -20.48 30.71 -42.02
N ALA A 529 -20.44 32.03 -41.87
CA ALA A 529 -19.18 32.76 -41.89
C ALA A 529 -18.28 32.47 -40.69
N LYS A 530 -18.90 32.32 -39.51
CA LYS A 530 -18.18 31.90 -38.33
C LYS A 530 -17.65 30.48 -38.48
N LEU A 531 -18.44 29.61 -39.10
CA LEU A 531 -18.00 28.25 -39.35
C LEU A 531 -16.83 28.21 -40.31
N GLN A 532 -16.88 29.01 -41.37
CA GLN A 532 -15.77 29.07 -42.31
C GLN A 532 -14.47 29.60 -41.69
N LYS A 533 -14.60 30.64 -40.88
CA LYS A 533 -13.43 31.19 -40.20
C LYS A 533 -12.85 30.14 -39.25
N ALA A 534 -13.73 29.45 -38.54
CA ALA A 534 -13.30 28.39 -37.63
C ALA A 534 -12.59 27.27 -38.41
N GLU A 535 -13.06 26.96 -39.62
CA GLU A 535 -12.39 25.97 -40.44
C GLU A 535 -10.98 26.41 -40.80
N GLU A 536 -10.83 27.70 -41.09
CA GLU A 536 -9.51 28.23 -41.38
C GLU A 536 -8.58 28.19 -40.17
N GLU A 537 -9.11 28.51 -38.99
CA GLU A 537 -8.34 28.40 -37.75
C GLU A 537 -7.96 26.94 -37.46
N GLY A 538 -8.77 26.02 -37.98
CA GLY A 538 -8.67 24.61 -37.63
C GLY A 538 -9.71 24.22 -36.61
N LEU A 539 -10.61 23.33 -37.02
CA LEU A 539 -11.77 22.98 -36.20
C LEU A 539 -11.39 22.29 -34.89
N GLU A 540 -10.39 21.43 -34.94
CA GLU A 540 -9.95 20.69 -33.77
C GLU A 540 -9.43 21.63 -32.69
N LYS A 541 -8.74 22.68 -33.13
CA LYS A 541 -8.18 23.67 -32.22
C LYS A 541 -9.26 24.57 -31.64
N VAL A 542 -10.18 25.02 -32.49
CA VAL A 542 -11.26 25.90 -32.08
C VAL A 542 -12.19 25.22 -31.08
N PHE A 543 -12.50 23.96 -31.34
CA PHE A 543 -13.42 23.20 -30.49
C PHE A 543 -12.72 22.38 -29.43
N LYS A 544 -11.41 22.58 -29.31
CA LYS A 544 -10.60 21.98 -28.26
C LYS A 544 -10.72 20.46 -28.19
N LEU A 545 -10.42 19.81 -29.31
CA LEU A 545 -10.59 18.37 -29.45
C LEU A 545 -9.24 17.65 -29.38
N LYS A 546 -8.23 18.35 -28.88
CA LYS A 546 -6.91 17.73 -28.68
C LYS A 546 -6.54 17.69 -27.19
N SER A 547 -5.81 16.64 -26.81
CA SER A 547 -5.24 16.54 -25.47
C SER A 547 -3.80 16.05 -25.57
N THR A 548 -3.00 16.29 -24.53
CA THR A 548 -1.58 15.95 -24.57
C THR A 548 -1.17 14.84 -23.61
N LEU A 549 -0.53 13.80 -24.14
CA LEU A 549 0.10 12.77 -23.34
C LEU A 549 1.60 13.07 -23.19
N THR A 550 1.98 13.69 -22.08
CA THR A 550 3.37 14.02 -21.78
C THR A 550 4.16 12.79 -21.29
N THR A 551 5.34 12.56 -21.87
CA THR A 551 6.15 11.39 -21.53
C THR A 551 7.45 11.75 -20.82
N THR A 552 7.58 13.01 -20.43
CA THR A 552 8.82 13.48 -19.79
C THR A 552 8.87 13.27 -18.28
N ASN A 553 7.78 12.81 -17.68
CA ASN A 553 7.77 12.57 -16.24
C ASN A 553 7.22 11.18 -15.89
N MET A 554 7.84 10.15 -16.44
CA MET A 554 7.44 8.78 -16.12
C MET A 554 8.18 8.31 -14.88
N THR A 555 7.55 8.53 -13.73
CA THR A 555 8.21 8.36 -12.44
C THR A 555 7.59 7.18 -11.73
N LEU A 556 8.43 6.28 -11.25
CA LEU A 556 7.94 5.06 -10.61
C LEU A 556 8.88 4.67 -9.50
N PHE A 557 8.39 3.86 -8.57
CA PHE A 557 9.30 3.19 -7.66
C PHE A 557 9.98 2.06 -8.42
N ASP A 558 11.31 1.96 -8.30
CA ASP A 558 12.05 0.91 -8.98
C ASP A 558 11.91 -0.41 -8.20
N PRO A 559 12.43 -1.53 -8.75
CA PRO A 559 12.27 -2.82 -8.05
C PRO A 559 12.92 -2.86 -6.66
N ASN A 560 13.80 -1.91 -6.38
CA ASN A 560 14.45 -1.85 -5.07
C ASN A 560 13.79 -0.85 -4.12
N LEU A 561 12.57 -0.43 -4.49
CA LEU A 561 11.76 0.52 -3.71
C LEU A 561 12.28 1.95 -3.67
N LYS A 562 12.92 2.36 -4.76
CA LYS A 562 13.51 3.69 -4.83
C LYS A 562 12.94 4.45 -6.02
N LEU A 563 12.46 5.66 -5.77
CA LEU A 563 11.88 6.49 -6.82
C LEU A 563 12.87 6.78 -7.93
N GLN A 564 12.41 6.61 -9.17
CA GLN A 564 13.21 6.89 -10.34
C GLN A 564 12.36 7.55 -11.40
N ARG A 565 12.99 8.35 -12.25
CA ARG A 565 12.34 8.79 -13.48
C ARG A 565 12.93 8.05 -14.68
N TYR A 566 12.06 7.36 -15.41
CA TYR A 566 12.46 6.64 -16.59
C TYR A 566 12.25 7.51 -17.82
N SER A 567 13.28 7.61 -18.66
CA SER A 567 13.22 8.49 -19.81
C SER A 567 12.20 8.05 -20.85
N THR A 568 12.21 6.77 -21.18
CA THR A 568 11.24 6.22 -22.13
C THR A 568 10.55 4.96 -21.61
N GLU A 569 9.53 4.55 -22.34
CA GLU A 569 8.83 3.31 -22.03
C GLU A 569 9.73 2.10 -22.20
N LEU A 570 10.70 2.18 -23.10
CA LEU A 570 11.70 1.12 -23.24
C LEU A 570 12.60 0.93 -22.01
N ASP A 571 12.97 2.01 -21.32
CA ASP A 571 13.75 1.87 -20.10
C ASP A 571 12.97 1.11 -19.00
N ILE A 572 11.68 1.43 -18.91
CA ILE A 572 10.76 0.75 -18.00
C ILE A 572 10.66 -0.72 -18.39
N LEU A 573 10.51 -0.97 -19.68
CA LEU A 573 10.35 -2.33 -20.17
C LEU A 573 11.59 -3.17 -19.90
N LYS A 574 12.77 -2.61 -20.16
CA LYS A 574 14.02 -3.32 -19.92
C LYS A 574 14.24 -3.68 -18.46
N GLU A 575 14.00 -2.73 -17.57
CA GLU A 575 14.13 -3.03 -16.14
C GLU A 575 13.16 -4.13 -15.71
N PHE A 576 11.93 -4.03 -16.21
CA PHE A 576 10.93 -5.04 -15.89
C PHE A 576 11.36 -6.41 -16.39
N CYS A 577 11.85 -6.48 -17.62
CA CYS A 577 12.29 -7.75 -18.20
C CYS A 577 13.43 -8.40 -17.45
N TYR A 578 14.40 -7.60 -17.01
CA TYR A 578 15.50 -8.13 -16.20
C TYR A 578 15.00 -8.74 -14.89
N GLN A 579 14.12 -7.99 -14.21
CA GLN A 579 13.54 -8.50 -12.99
C GLN A 579 12.64 -9.73 -13.16
N ARG A 580 11.82 -9.70 -14.20
CA ARG A 580 10.88 -10.78 -14.49
C ARG A 580 11.66 -12.08 -14.81
N LEU A 581 12.75 -11.96 -15.56
CA LEU A 581 13.56 -13.14 -15.95
C LEU A 581 14.17 -13.79 -14.72
N LYS A 582 14.65 -12.94 -13.81
CA LYS A 582 15.06 -13.46 -12.52
C LYS A 582 13.91 -14.08 -11.72
N ALA A 583 12.73 -13.48 -11.76
CA ALA A 583 11.58 -14.04 -11.07
C ALA A 583 11.24 -15.43 -11.58
N TYR A 584 11.41 -15.65 -12.88
CA TYR A 584 11.24 -16.99 -13.45
C TYR A 584 12.28 -17.98 -12.93
N GLU A 585 13.51 -17.54 -12.73
CA GLU A 585 14.45 -18.46 -12.06
C GLU A 585 14.03 -18.82 -10.63
N ASN A 586 13.58 -17.82 -9.87
CA ASN A 586 13.05 -18.10 -8.53
C ASN A 586 11.81 -19.01 -8.50
N ARG A 587 10.90 -18.79 -9.45
CA ARG A 587 9.73 -19.66 -9.58
C ARG A 587 10.13 -21.08 -9.91
N LYS A 588 11.06 -21.25 -10.85
CA LYS A 588 11.49 -22.60 -11.21
C LYS A 588 12.11 -23.36 -10.04
N SER A 589 12.99 -22.69 -9.31
CA SER A 589 13.61 -23.33 -8.14
C SER A 589 12.57 -23.66 -7.06
N TYR A 590 11.62 -22.76 -6.85
CA TYR A 590 10.55 -23.02 -5.90
C TYR A 590 9.64 -24.20 -6.30
N LEU A 591 9.29 -24.26 -7.57
CA LEU A 591 8.41 -25.33 -8.07
C LEU A 591 9.11 -26.67 -8.00
N ILE A 592 10.40 -26.69 -8.29
CA ILE A 592 11.18 -27.92 -8.19
C ILE A 592 11.20 -28.41 -6.74
N SER A 593 11.46 -27.49 -5.81
CA SER A 593 11.44 -27.87 -4.40
C SER A 593 10.07 -28.37 -3.91
N LYS A 594 9.01 -27.72 -4.38
CA LYS A 594 7.65 -28.17 -4.09
C LYS A 594 7.28 -29.53 -4.67
N LEU A 595 7.65 -29.76 -5.92
CA LEU A 595 7.44 -31.05 -6.56
C LEU A 595 8.22 -32.19 -5.90
N GLU A 596 9.43 -31.89 -5.45
CA GLU A 596 10.21 -32.88 -4.74
C GLU A 596 9.52 -33.23 -3.42
N LYS A 597 8.99 -32.22 -2.73
CA LYS A 597 8.25 -32.50 -1.50
C LYS A 597 6.95 -33.29 -1.73
N GLU A 598 6.25 -32.97 -2.80
CA GLU A 598 5.00 -33.66 -3.11
C GLU A 598 5.28 -35.11 -3.48
N LYS A 599 6.36 -35.32 -4.22
CA LYS A 599 6.77 -36.65 -4.63
C LYS A 599 7.10 -37.51 -3.44
N ARG A 600 7.81 -36.93 -2.49
CA ARG A 600 8.16 -37.68 -1.28
C ARG A 600 6.93 -38.06 -0.46
N ILE A 601 5.99 -37.12 -0.35
CA ILE A 601 4.72 -37.41 0.33
C ILE A 601 3.95 -38.53 -0.40
N ILE A 602 3.91 -38.47 -1.72
CA ILE A 602 3.21 -39.48 -2.51
C ILE A 602 3.87 -40.83 -2.27
N SER A 603 5.19 -40.86 -2.29
CA SER A 603 5.94 -42.10 -2.18
C SER A 603 5.63 -42.78 -0.85
N ASN A 604 5.56 -41.97 0.21
CA ASN A 604 5.19 -42.52 1.52
C ASN A 604 3.75 -43.03 1.58
N LYS A 605 2.82 -42.27 0.99
CA LYS A 605 1.42 -42.74 0.97
C LYS A 605 1.26 -44.01 0.15
N THR A 606 1.96 -44.10 -0.98
CA THR A 606 1.92 -45.27 -1.86
C THR A 606 2.40 -46.50 -1.11
N LYS A 607 3.53 -46.36 -0.44
CA LYS A 607 4.07 -47.46 0.36
C LYS A 607 3.12 -47.88 1.49
N PHE A 608 2.56 -46.90 2.19
CA PHE A 608 1.63 -47.15 3.30
C PHE A 608 0.33 -47.87 2.88
N ILE A 609 -0.30 -47.38 1.81
CA ILE A 609 -1.49 -48.00 1.24
C ILE A 609 -1.25 -49.39 0.67
N LEU A 610 -0.15 -49.56 -0.07
CA LEU A 610 0.18 -50.86 -0.63
C LEU A 610 0.44 -51.86 0.49
N ALA A 611 1.15 -51.42 1.53
CA ALA A 611 1.46 -52.31 2.65
C ALA A 611 0.20 -52.77 3.38
N ILE A 612 -0.74 -51.87 3.63
CA ILE A 612 -2.02 -52.31 4.22
C ILE A 612 -2.83 -53.24 3.29
N VAL A 613 -2.95 -52.82 2.04
CA VAL A 613 -3.68 -53.56 1.01
C VAL A 613 -3.06 -54.92 0.68
N ASN A 614 -1.74 -55.04 0.85
CA ASN A 614 -1.07 -56.31 0.60
C ASN A 614 -0.86 -57.14 1.87
N ASN A 615 -1.46 -56.68 2.96
CA ASN A 615 -1.39 -57.34 4.28
C ASN A 615 -0.01 -57.39 4.92
N GLU A 616 0.93 -56.60 4.41
CA GLU A 616 2.20 -56.39 5.10
C GLU A 616 2.06 -55.49 6.32
N LEU A 617 1.22 -54.46 6.26
CA LEU A 617 1.02 -53.61 7.43
C LEU A 617 -0.38 -53.79 8.01
N ILE A 618 -0.42 -54.13 9.30
CA ILE A 618 -1.68 -54.32 10.02
C ILE A 618 -2.01 -53.09 10.87
N VAL A 619 -3.15 -52.46 10.59
CA VAL A 619 -3.63 -51.35 11.40
C VAL A 619 -4.81 -51.72 12.32
N ASN A 620 -5.58 -52.74 11.97
CA ASN A 620 -6.83 -52.99 12.70
C ASN A 620 -6.59 -53.40 14.14
N LYS A 621 -7.13 -52.59 15.05
CA LYS A 621 -7.04 -52.79 16.50
C LYS A 621 -5.61 -52.73 17.03
N LYS A 622 -4.74 -52.02 16.32
CA LYS A 622 -3.36 -51.86 16.78
C LYS A 622 -3.28 -50.60 17.62
N LYS A 623 -2.57 -50.70 18.74
CA LYS A 623 -2.38 -49.54 19.59
C LYS A 623 -1.63 -48.52 18.75
N LYS A 624 -2.01 -47.26 18.91
CA LYS A 624 -1.50 -46.21 18.06
C LYS A 624 0.00 -45.93 18.18
N LYS A 625 0.51 -45.93 19.41
CA LYS A 625 1.94 -45.72 19.64
C LYS A 625 2.74 -46.90 19.07
N VAL A 626 2.16 -48.10 19.12
CA VAL A 626 2.75 -49.30 18.54
C VAL A 626 2.83 -49.17 17.02
N LEU A 627 1.76 -48.70 16.41
CA LEU A 627 1.72 -48.48 14.97
C LEU A 627 2.64 -47.36 14.50
N VAL A 628 2.72 -46.28 15.26
CA VAL A 628 3.63 -45.18 14.95
C VAL A 628 5.09 -45.62 15.08
N GLU A 629 5.35 -46.42 16.11
CA GLU A 629 6.69 -46.98 16.30
C GLU A 629 7.04 -47.87 15.12
N GLU A 630 6.07 -48.68 14.69
CA GLU A 630 6.29 -49.56 13.55
C GLU A 630 6.48 -48.81 12.23
N LEU A 631 5.76 -47.72 12.03
CA LEU A 631 5.93 -46.91 10.82
C LEU A 631 7.32 -46.31 10.81
N TYR A 632 7.77 -45.85 11.98
CA TYR A 632 9.10 -45.25 12.08
C TYR A 632 10.20 -46.26 11.86
N ARG A 633 10.08 -47.42 12.51
CA ARG A 633 11.06 -48.49 12.35
C ARG A 633 11.14 -49.03 10.94
N LYS A 634 10.02 -49.02 10.21
CA LYS A 634 9.97 -49.63 8.88
C LYS A 634 10.41 -48.65 7.79
N GLY A 635 10.76 -47.43 8.19
CA GLY A 635 11.27 -46.43 7.26
C GLY A 635 10.37 -45.35 6.69
N TYR A 636 9.16 -45.21 7.22
CA TYR A 636 8.26 -44.15 6.79
C TYR A 636 8.75 -42.79 7.30
N ASP A 637 8.71 -41.76 6.45
CA ASP A 637 9.16 -40.44 6.87
C ASP A 637 8.09 -39.76 7.72
N PRO A 638 8.48 -39.30 8.91
CA PRO A 638 7.56 -38.43 9.64
C PRO A 638 7.47 -37.13 8.86
N TYR A 639 6.38 -36.39 8.99
CA TYR A 639 6.13 -35.27 8.08
C TYR A 639 7.22 -34.20 8.14
N LYS A 640 7.66 -33.88 9.37
CA LYS A 640 8.69 -32.87 9.59
C LYS A 640 10.01 -33.11 8.86
N ASP A 641 10.31 -34.37 8.52
CA ASP A 641 11.48 -34.65 7.70
C ASP A 641 11.28 -34.27 6.23
N ILE A 642 10.04 -34.25 5.76
CA ILE A 642 9.76 -33.83 4.38
C ILE A 642 9.49 -32.33 4.32
N ASN A 643 8.89 -31.79 5.38
CA ASN A 643 8.56 -30.37 5.43
C ASN A 643 9.73 -29.51 5.89
N LYS A 644 10.65 -29.24 4.97
CA LYS A 644 11.80 -28.38 5.25
C LYS A 644 11.35 -26.97 5.62
N GLU A 648 11.01 -19.87 4.93
CA GLU A 648 9.60 -19.77 5.29
C GLU A 648 9.36 -18.71 6.37
N GLU A 649 9.21 -17.46 5.94
CA GLU A 649 9.05 -16.33 6.86
C GLU A 649 7.84 -16.58 7.75
N ILE A 650 7.91 -16.12 9.00
CA ILE A 650 6.89 -16.47 9.98
C ILE A 650 6.02 -15.24 10.27
N PHE A 651 4.72 -15.41 10.09
CA PHE A 651 3.78 -14.34 10.38
C PHE A 651 2.98 -14.72 11.63
N GLU A 652 2.99 -13.85 12.63
CA GLU A 652 2.54 -14.24 13.97
C GLU A 652 1.10 -14.74 14.01
N GLN A 653 0.23 -14.08 13.25
CA GLN A 653 -1.20 -14.33 13.35
C GLN A 653 -1.61 -15.60 12.61
N GLU A 654 -0.62 -16.33 12.12
CA GLU A 654 -0.86 -17.58 11.41
C GLU A 654 -0.42 -18.70 12.34
N LEU A 655 -0.79 -18.55 13.61
CA LEU A 655 -0.47 -19.52 14.64
C LEU A 655 -1.42 -19.39 15.83
N GLU A 663 -3.60 -37.66 18.01
CA GLU A 663 -3.46 -38.69 19.03
C GLU A 663 -2.18 -38.46 19.85
N ASP A 664 -2.07 -37.22 20.34
CA ASP A 664 -1.09 -36.69 21.30
C ASP A 664 0.23 -36.32 20.62
N ASN A 665 1.09 -35.57 21.32
CA ASN A 665 2.41 -35.20 20.80
C ASN A 665 3.44 -35.83 21.71
N GLU A 666 3.06 -36.95 22.32
CA GLU A 666 3.92 -37.61 23.29
C GLU A 666 4.95 -38.44 22.55
N GLU A 667 6.23 -38.17 22.79
CA GLU A 667 7.27 -38.73 21.96
C GLU A 667 7.35 -40.24 22.19
N ILE A 668 7.06 -41.02 21.16
CA ILE A 668 7.24 -42.46 21.25
C ILE A 668 8.71 -42.88 21.26
N ILE A 669 9.49 -42.21 20.41
CA ILE A 669 10.82 -42.67 19.93
C ILE A 669 11.13 -42.09 18.55
N ALA A 670 12.39 -41.82 18.26
CA ALA A 670 13.27 -41.26 19.28
C ALA A 670 12.73 -39.86 19.57
N GLY A 671 12.45 -39.12 18.50
CA GLY A 671 11.73 -37.86 18.61
C GLY A 671 10.34 -37.86 17.98
N ILE A 672 9.85 -39.04 17.63
CA ILE A 672 8.60 -39.16 16.85
C ILE A 672 7.35 -39.14 17.73
N THR A 673 6.33 -38.47 17.24
CA THR A 673 5.02 -38.40 17.90
C THR A 673 3.99 -39.02 16.96
N VAL A 674 2.77 -39.20 17.44
CA VAL A 674 1.71 -39.68 16.56
C VAL A 674 1.37 -38.67 15.48
N LYS A 675 1.40 -37.39 15.82
CA LYS A 675 1.05 -36.35 14.88
C LYS A 675 2.00 -36.35 13.67
N ASP A 676 3.21 -36.88 13.88
CA ASP A 676 4.25 -36.86 12.86
C ASP A 676 3.81 -37.67 11.65
N TYR A 677 2.91 -38.62 11.89
CA TYR A 677 2.44 -39.51 10.83
C TYR A 677 0.97 -39.28 10.48
N ASP A 678 0.43 -38.12 10.88
CA ASP A 678 -0.99 -37.87 10.63
C ASP A 678 -1.30 -37.89 9.15
N TYR A 679 -0.35 -37.41 8.34
CA TYR A 679 -0.55 -37.32 6.89
C TYR A 679 -0.81 -38.69 6.29
N LEU A 680 -0.33 -39.73 6.96
CA LEU A 680 -0.69 -41.08 6.56
C LEU A 680 -1.95 -41.58 7.26
N LEU A 681 -1.98 -41.48 8.59
CA LEU A 681 -3.10 -42.00 9.35
C LEU A 681 -4.44 -41.31 9.06
N SER A 682 -4.36 -40.03 8.70
CA SER A 682 -5.51 -39.22 8.33
C SER A 682 -6.23 -39.69 7.06
N MET A 683 -5.53 -40.40 6.17
CA MET A 683 -6.10 -40.72 4.86
C MET A 683 -7.36 -41.55 5.08
N PRO A 684 -8.41 -41.23 4.33
CA PRO A 684 -9.69 -41.91 4.48
C PRO A 684 -9.61 -43.38 4.13
N ILE A 685 -10.49 -44.16 4.74
CA ILE A 685 -10.53 -45.59 4.54
C ILE A 685 -10.81 -45.84 3.05
N PHE A 686 -11.42 -44.86 2.41
CA PHE A 686 -11.75 -44.92 0.98
C PHE A 686 -10.50 -45.04 0.11
N SER A 687 -9.34 -44.67 0.66
CA SER A 687 -8.10 -44.72 -0.09
C SER A 687 -7.72 -46.16 -0.36
N LEU A 688 -8.23 -47.07 0.48
CA LEU A 688 -7.90 -48.49 0.30
C LEU A 688 -8.69 -49.19 -0.80
N THR A 689 -9.75 -48.55 -1.29
CA THR A 689 -10.55 -49.11 -2.37
C THR A 689 -9.78 -49.07 -3.70
N LEU A 690 -10.19 -49.92 -4.65
CA LEU A 690 -9.37 -50.23 -5.84
C LEU A 690 -9.02 -49.05 -6.76
N GLU A 691 -10.01 -48.25 -7.15
CA GLU A 691 -9.78 -47.13 -8.05
C GLU A 691 -8.84 -46.12 -7.39
N LYS A 692 -9.06 -45.91 -6.10
CA LYS A 692 -8.24 -45.01 -5.31
C LYS A 692 -6.78 -45.45 -5.20
N VAL A 693 -6.57 -46.75 -5.04
CA VAL A 693 -5.23 -47.33 -5.06
C VAL A 693 -4.56 -47.19 -6.42
N GLU A 694 -5.34 -47.40 -7.47
CA GLU A 694 -4.85 -47.24 -8.83
C GLU A 694 -4.45 -45.79 -9.15
N ASP A 695 -5.28 -44.83 -8.73
CA ASP A 695 -4.96 -43.42 -8.90
C ASP A 695 -3.74 -42.99 -8.10
N LEU A 696 -3.60 -43.57 -6.92
CA LEU A 696 -2.44 -43.27 -6.08
C LEU A 696 -1.18 -43.75 -6.76
N LEU A 697 -1.27 -44.93 -7.35
CA LEU A 697 -0.13 -45.48 -8.06
C LEU A 697 0.18 -44.58 -9.27
N THR A 698 -0.85 -44.06 -9.92
CA THR A 698 -0.70 -43.20 -11.11
C THR A 698 0.06 -41.91 -10.76
N GLN A 699 -0.21 -41.45 -9.54
CA GLN A 699 0.21 -40.15 -9.07
C GLN A 699 1.72 -39.99 -9.04
N LEU A 700 2.44 -41.03 -8.59
CA LEU A 700 3.91 -40.92 -8.54
C LEU A 700 4.60 -40.88 -9.90
N LYS A 701 4.06 -41.61 -10.87
CA LYS A 701 4.63 -41.61 -12.21
C LYS A 701 4.43 -40.20 -12.78
N GLU A 702 3.20 -39.70 -12.63
CA GLU A 702 2.91 -38.36 -13.11
C GLU A 702 3.77 -37.29 -12.42
N LYS A 703 3.98 -37.43 -11.12
CA LYS A 703 4.78 -36.46 -10.37
C LYS A 703 6.24 -36.44 -10.83
N GLU A 704 6.86 -37.61 -11.03
CA GLU A 704 8.22 -37.65 -11.57
C GLU A 704 8.37 -37.19 -13.01
N ARG A 705 7.38 -37.46 -13.86
CA ARG A 705 7.48 -36.91 -15.22
C ARG A 705 7.41 -35.40 -15.18
N GLU A 706 6.48 -34.88 -14.39
CA GLU A 706 6.31 -33.44 -14.28
C GLU A 706 7.57 -32.76 -13.70
N LEU A 707 8.18 -33.41 -12.71
CA LEU A 707 9.44 -32.92 -12.15
C LEU A 707 10.60 -32.95 -13.13
N GLU A 708 10.72 -34.04 -13.89
CA GLU A 708 11.80 -34.15 -14.88
C GLU A 708 11.67 -33.10 -15.97
N ILE A 709 10.43 -32.85 -16.40
CA ILE A 709 10.18 -31.84 -17.41
C ILE A 709 10.52 -30.45 -16.86
N LEU A 710 10.12 -30.19 -15.63
CA LEU A 710 10.45 -28.91 -15.00
C LEU A 710 11.95 -28.69 -14.84
N ARG A 711 12.69 -29.75 -14.53
CA ARG A 711 14.13 -29.61 -14.29
C ARG A 711 14.88 -29.09 -15.52
N ASN A 712 14.45 -29.50 -16.71
CA ASN A 712 15.17 -29.16 -17.94
C ASN A 712 14.60 -27.98 -18.72
N ILE A 713 13.47 -27.43 -18.31
CA ILE A 713 12.91 -26.26 -18.96
C ILE A 713 13.72 -25.00 -18.66
N THR A 714 13.90 -24.16 -19.68
CA THR A 714 14.56 -22.87 -19.50
C THR A 714 13.56 -21.80 -19.06
N VAL A 715 14.07 -20.72 -18.47
CA VAL A 715 13.23 -19.59 -18.07
C VAL A 715 12.58 -18.90 -19.27
N GLU A 716 13.29 -18.83 -20.38
CA GLU A 716 12.74 -18.23 -21.59
C GLU A 716 11.55 -19.02 -22.11
N THR A 717 11.63 -20.35 -22.06
CA THR A 717 10.49 -21.18 -22.46
C THR A 717 9.28 -21.02 -21.53
N MET A 718 9.54 -20.91 -20.22
CA MET A 718 8.48 -20.70 -19.23
C MET A 718 7.74 -19.38 -19.44
N TRP A 719 8.53 -18.34 -19.67
CA TRP A 719 7.99 -17.03 -19.98
C TRP A 719 7.23 -16.97 -21.28
N LEU A 720 7.81 -17.54 -22.31
CA LEU A 720 7.21 -17.53 -23.62
C LEU A 720 5.85 -18.27 -23.59
N LYS A 721 5.82 -19.38 -22.85
CA LYS A 721 4.59 -20.16 -22.66
C LYS A 721 3.48 -19.38 -21.90
N ASP A 722 3.91 -18.68 -20.85
CA ASP A 722 3.00 -17.82 -20.10
C ASP A 722 2.48 -16.66 -20.94
N ILE A 723 3.33 -16.11 -21.78
CA ILE A 723 2.95 -15.03 -22.68
C ILE A 723 1.89 -15.55 -23.65
N GLU A 724 2.04 -16.80 -24.06
CA GLU A 724 1.04 -17.41 -24.93
C GLU A 724 -0.32 -17.46 -24.26
N LYS A 725 -0.31 -17.89 -23.00
CA LYS A 725 -1.55 -17.94 -22.22
C LYS A 725 -2.16 -16.55 -21.96
N VAL A 726 -1.30 -15.56 -21.73
CA VAL A 726 -1.72 -14.17 -21.54
C VAL A 726 -2.39 -13.60 -22.79
N GLU A 727 -1.81 -13.88 -23.96
CA GLU A 727 -2.40 -13.41 -25.21
C GLU A 727 -3.78 -14.02 -25.42
N GLU A 728 -3.90 -15.31 -25.14
CA GLU A 728 -5.21 -15.94 -25.24
C GLU A 728 -6.23 -15.36 -24.25
N ALA A 729 -5.83 -15.18 -23.00
CA ALA A 729 -6.72 -14.62 -21.99
C ALA A 729 -7.18 -13.19 -22.27
N ILE A 730 -6.26 -12.34 -22.71
CA ILE A 730 -6.63 -10.96 -23.05
C ILE A 730 -7.59 -10.94 -24.23
N GLU A 731 -7.30 -11.75 -25.25
CA GLU A 731 -8.17 -11.81 -26.41
C GLU A 731 -9.57 -12.33 -26.07
N PHE A 732 -9.65 -13.34 -25.22
CA PHE A 732 -10.95 -13.86 -24.76
C PHE A 732 -11.75 -12.82 -23.96
N GLN A 733 -11.08 -12.12 -23.05
CA GLN A 733 -11.73 -11.08 -22.27
C GLN A 733 -12.27 -9.96 -23.16
N ARG A 734 -11.45 -9.54 -24.12
CA ARG A 734 -11.86 -8.53 -25.08
C ARG A 734 -13.04 -8.98 -25.96
N ASN A 735 -12.99 -10.22 -26.42
CA ASN A 735 -14.08 -10.75 -27.23
C ASN A 735 -15.39 -10.82 -26.46
N VAL A 736 -15.31 -11.13 -25.18
CA VAL A 736 -16.49 -11.11 -24.33
C VAL A 736 -17.03 -9.68 -24.18
N GLU A 737 -16.14 -8.70 -24.02
CA GLU A 737 -16.59 -7.31 -23.95
C GLU A 737 -17.30 -6.88 -25.26
N LEU A 738 -16.72 -7.24 -26.40
CA LEU A 738 -17.34 -6.95 -27.69
C LEU A 738 -18.67 -7.68 -27.93
N SER A 739 -18.74 -8.96 -27.58
CA SER A 739 -19.99 -9.71 -27.70
C SER A 739 -21.09 -9.09 -26.85
N ASN A 740 -20.73 -8.69 -25.63
CA ASN A 740 -21.70 -8.02 -24.76
C ASN A 740 -22.17 -6.71 -25.37
N ARG A 741 -21.26 -6.00 -26.03
CA ARG A 741 -21.61 -4.72 -26.64
C ARG A 741 -22.62 -4.86 -27.80
N GLU A 742 -22.51 -5.93 -28.58
CA GLU A 742 -23.39 -6.15 -29.73
C GLU A 742 -24.85 -6.45 -29.36
N GLU A 743 -25.78 -6.03 -30.22
CA GLU A 743 -27.20 -6.23 -29.99
C GLU A 743 -27.56 -7.72 -29.97
#